data_4KU5
#
_entry.id   4KU5
#
_cell.length_a   82.204
_cell.length_b   85.379
_cell.length_c   102.706
_cell.angle_alpha   90.00
_cell.angle_beta   90.00
_cell.angle_gamma   90.00
#
_symmetry.space_group_name_H-M   'P 21 21 21'
#
loop_
_entity.id
_entity.type
_entity.pdbx_description
1 polymer '3-oxoacyl-[ACP] synthase III'
2 non-polymer DI(HYDROXYETHYL)ETHER
3 non-polymer 'PHOSPHATE ION'
4 non-polymer 'LAURIC ACID'
5 non-polymer DODECYL-COA
6 water water
#
_entity_poly.entity_id   1
_entity_poly.type   'polypeptide(L)'
_entity_poly.pdbx_seq_one_letter_code
;MGSSHHHHHHSSGLVPRGSHMLFQNVSIAGLAHIDAPHTLTSKEINERLQPTYDRLGIKTDVLGDVAGIHARRLWDQDVQ
ASDAATQAARKALIDANIGIEKIGLLINTSVSRDYLEPSTASIVSGNLGVSDHCMTFDVANASLAFINGMDIAARMLERG
EIDYALVVDGETANLVYEKTLERMTSPDVTEEEFRNELAALTLGCGAAAMVMARSELVPDAPRYKGGVTRSATEWNKLCR
GNLDRMVTDTRLLLIEGIKLAQKTFVAAKQVLGWAVEELDQFVIHQVSRPHTAAFVKSFGIDPAKVMTIFGEHGNIGPAS
VPIVLSKLKELGRLKKGDRIALLGIGSGLNCSMAEVVW
;
_entity_poly.pdbx_strand_id   A,B
#
# COMPACT_ATOMS: atom_id res chain seq x y z
N HIS A 20 1.08 28.25 -1.64
CA HIS A 20 0.97 27.32 -0.52
C HIS A 20 1.01 25.85 -0.96
N MET A 21 1.58 25.61 -2.15
CA MET A 21 1.77 24.26 -2.70
C MET A 21 0.48 23.51 -3.05
N LEU A 22 -0.60 24.25 -3.27
CA LEU A 22 -1.82 23.66 -3.81
C LEU A 22 -1.54 23.20 -5.24
N PHE A 23 -2.25 22.17 -5.69
CA PHE A 23 -2.00 21.64 -7.03
C PHE A 23 -2.51 22.56 -8.13
N GLN A 24 -1.72 22.69 -9.18
CA GLN A 24 -2.06 23.55 -10.31
CA GLN A 24 -2.13 23.53 -10.30
C GLN A 24 -2.32 22.71 -11.56
N ASN A 25 -3.38 23.06 -12.30
CA ASN A 25 -3.72 22.38 -13.54
C ASN A 25 -3.85 20.87 -13.43
N VAL A 26 -4.39 20.42 -12.29
CA VAL A 26 -4.77 19.02 -12.11
C VAL A 26 -6.30 18.96 -12.04
N SER A 27 -6.90 18.16 -12.91
CA SER A 27 -8.36 18.12 -13.03
C SER A 27 -8.93 16.71 -12.87
N ILE A 28 -10.24 16.63 -12.63
CA ILE A 28 -10.94 15.36 -12.54
C ILE A 28 -11.69 15.17 -13.86
N ALA A 29 -11.20 14.27 -14.70
CA ALA A 29 -11.77 14.06 -16.03
C ALA A 29 -12.96 13.09 -16.02
N GLY A 30 -12.92 12.15 -15.08
CA GLY A 30 -13.99 11.18 -14.95
C GLY A 30 -14.14 10.69 -13.52
N LEU A 31 -15.36 10.26 -13.18
CA LEU A 31 -15.68 9.81 -11.82
C LEU A 31 -16.86 8.83 -11.87
N ALA A 32 -16.77 7.75 -11.09
CA ALA A 32 -17.86 6.76 -11.01
C ALA A 32 -17.85 5.95 -9.72
N HIS A 33 -19.02 5.43 -9.34
CA HIS A 33 -19.16 4.53 -8.19
C HIS A 33 -19.93 3.27 -8.60
N ILE A 34 -19.76 2.19 -7.83
CA ILE A 34 -20.56 0.97 -8.01
C ILE A 34 -21.23 0.65 -6.68
N ASP A 35 -22.56 0.54 -6.69
CA ASP A 35 -23.30 0.10 -5.51
C ASP A 35 -23.38 -1.43 -5.49
N ALA A 36 -22.95 -2.04 -4.40
CA ALA A 36 -23.05 -3.50 -4.27
C ALA A 36 -24.52 -3.89 -4.24
N PRO A 37 -24.87 -5.00 -4.90
CA PRO A 37 -26.26 -5.35 -5.23
C PRO A 37 -27.12 -5.96 -4.10
N HIS A 38 -26.51 -6.63 -3.13
CA HIS A 38 -27.31 -7.34 -2.12
C HIS A 38 -27.46 -6.54 -0.82
N THR A 39 -28.70 -6.27 -0.45
CA THR A 39 -29.01 -5.51 0.76
C THR A 39 -29.10 -6.42 1.99
N LEU A 40 -28.36 -6.07 3.04
CA LEU A 40 -28.43 -6.77 4.32
C LEU A 40 -28.89 -5.76 5.37
N THR A 41 -30.11 -5.94 5.88
CA THR A 41 -30.68 -5.00 6.84
C THR A 41 -30.19 -5.24 8.27
N SER A 42 -30.20 -4.20 9.09
CA SER A 42 -29.86 -4.33 10.51
C SER A 42 -30.95 -5.11 11.24
N LYS A 43 -32.18 -5.06 10.73
CA LYS A 43 -33.26 -5.84 11.30
C LYS A 43 -32.96 -7.33 11.17
N GLU A 44 -32.41 -7.75 10.02
CA GLU A 44 -32.02 -9.14 9.85
C GLU A 44 -30.85 -9.51 10.76
N ILE A 45 -29.85 -8.65 10.83
CA ILE A 45 -28.72 -8.86 11.73
C ILE A 45 -29.16 -9.02 13.19
N ASN A 46 -30.03 -8.12 13.66
CA ASN A 46 -30.53 -8.17 15.03
C ASN A 46 -31.25 -9.47 15.34
N GLU A 47 -31.93 -10.01 14.34
CA GLU A 47 -32.66 -11.26 14.45
C GLU A 47 -31.70 -12.39 14.83
N ARG A 48 -30.58 -12.48 14.11
CA ARG A 48 -29.55 -13.49 14.39
C ARG A 48 -28.90 -13.25 15.76
N LEU A 49 -28.74 -11.98 16.12
CA LEU A 49 -28.02 -11.60 17.34
C LEU A 49 -28.88 -11.60 18.60
N GLN A 50 -30.21 -11.70 18.44
CA GLN A 50 -31.12 -11.55 19.57
C GLN A 50 -30.82 -12.43 20.81
N PRO A 51 -30.54 -13.73 20.60
CA PRO A 51 -30.19 -14.55 21.77
C PRO A 51 -28.96 -14.02 22.53
N THR A 52 -27.98 -13.50 21.80
CA THR A 52 -26.79 -12.93 22.43
C THR A 52 -27.10 -11.61 23.15
N TYR A 53 -27.92 -10.76 22.52
CA TYR A 53 -28.40 -9.53 23.15
C TYR A 53 -29.06 -9.86 24.49
N ASP A 54 -29.99 -10.81 24.46
CA ASP A 54 -30.74 -11.20 25.65
C ASP A 54 -29.83 -11.74 26.75
N ARG A 55 -28.89 -12.61 26.37
CA ARG A 55 -27.94 -13.16 27.34
C ARG A 55 -27.08 -12.06 27.94
N LEU A 56 -26.72 -11.07 27.13
CA LEU A 56 -25.86 -9.97 27.58
C LEU A 56 -26.64 -8.80 28.19
N GLY A 57 -27.97 -8.90 28.19
CA GLY A 57 -28.80 -7.85 28.78
C GLY A 57 -28.89 -6.57 27.97
N ILE A 58 -28.48 -6.64 26.70
CA ILE A 58 -28.57 -5.50 25.81
C ILE A 58 -30.03 -5.32 25.34
N LYS A 59 -30.61 -4.17 25.67
CA LYS A 59 -32.03 -3.90 25.39
C LYS A 59 -32.27 -2.80 24.34
N THR A 60 -31.17 -2.17 23.91
CA THR A 60 -31.23 -1.10 22.92
C THR A 60 -30.76 -1.64 21.57
N ASP A 61 -31.41 -1.23 20.48
CA ASP A 61 -30.91 -1.55 19.14
C ASP A 61 -29.66 -0.71 18.86
N VAL A 62 -28.50 -1.28 19.17
CA VAL A 62 -27.24 -0.54 19.06
C VAL A 62 -26.83 -0.23 17.62
N LEU A 63 -27.36 -0.98 16.66
CA LEU A 63 -27.06 -0.74 15.25
C LEU A 63 -27.98 0.33 14.65
N GLY A 64 -29.29 0.11 14.76
CA GLY A 64 -30.26 0.99 14.14
C GLY A 64 -30.48 2.33 14.84
N ASP A 65 -30.59 2.31 16.17
CA ASP A 65 -30.86 3.53 16.92
C ASP A 65 -29.59 4.28 17.35
N VAL A 66 -28.59 3.57 17.88
CA VAL A 66 -27.35 4.22 18.33
C VAL A 66 -26.47 4.64 17.15
N ALA A 67 -25.95 3.66 16.41
CA ALA A 67 -25.05 3.95 15.30
C ALA A 67 -25.77 4.56 14.11
N GLY A 68 -27.07 4.30 13.99
CA GLY A 68 -27.86 4.88 12.93
C GLY A 68 -27.71 4.22 11.57
N ILE A 69 -27.33 2.94 11.57
CA ILE A 69 -27.27 2.18 10.31
C ILE A 69 -28.43 1.21 10.18
N HIS A 70 -29.16 1.33 9.08
CA HIS A 70 -30.36 0.55 8.86
C HIS A 70 -30.15 -0.56 7.81
N ALA A 71 -29.17 -0.35 6.93
CA ALA A 71 -28.86 -1.33 5.89
C ALA A 71 -27.41 -1.20 5.43
N ARG A 72 -26.89 -2.25 4.80
CA ARG A 72 -25.61 -2.17 4.09
C ARG A 72 -25.67 -3.08 2.88
N ARG A 73 -24.75 -2.89 1.94
CA ARG A 73 -24.73 -3.70 0.72
C ARG A 73 -23.60 -4.72 0.76
N LEU A 74 -23.85 -5.91 0.19
CA LEU A 74 -22.83 -6.95 0.08
C LEU A 74 -22.69 -7.40 -1.37
N TRP A 75 -21.51 -7.91 -1.74
CA TRP A 75 -21.30 -8.50 -3.06
C TRP A 75 -21.69 -9.97 -3.03
N ASP A 76 -21.55 -10.64 -4.18
CA ASP A 76 -21.47 -12.10 -4.19
C ASP A 76 -20.16 -12.53 -3.51
N GLN A 77 -20.13 -13.76 -3.02
CA GLN A 77 -18.97 -14.33 -2.34
C GLN A 77 -17.71 -14.32 -3.22
N ASP A 78 -17.89 -14.51 -4.52
CA ASP A 78 -16.76 -14.67 -5.43
C ASP A 78 -16.20 -13.36 -6.00
N VAL A 79 -16.64 -12.22 -5.45
CA VAL A 79 -16.15 -10.93 -5.90
C VAL A 79 -14.93 -10.48 -5.08
N GLN A 80 -13.79 -10.33 -5.74
CA GLN A 80 -12.55 -9.88 -5.09
C GLN A 80 -12.46 -8.37 -5.14
N ALA A 81 -11.63 -7.78 -4.29
CA ALA A 81 -11.36 -6.34 -4.33
C ALA A 81 -11.05 -5.86 -5.74
N SER A 82 -10.21 -6.60 -6.45
CA SER A 82 -9.82 -6.23 -7.81
C SER A 82 -11.02 -6.26 -8.77
N ASP A 83 -11.94 -7.21 -8.55
CA ASP A 83 -13.12 -7.31 -9.40
C ASP A 83 -13.97 -6.05 -9.27
N ALA A 84 -14.27 -5.65 -8.03
CA ALA A 84 -15.06 -4.45 -7.77
C ALA A 84 -14.35 -3.17 -8.27
N ALA A 85 -13.04 -3.08 -8.06
CA ALA A 85 -12.28 -1.93 -8.54
C ALA A 85 -12.27 -1.86 -10.08
N THR A 86 -12.22 -3.03 -10.72
CA THR A 86 -12.24 -3.09 -12.18
C THR A 86 -13.57 -2.56 -12.75
N GLN A 87 -14.68 -2.93 -12.11
CA GLN A 87 -16.01 -2.45 -12.52
C GLN A 87 -16.09 -0.93 -12.49
N ALA A 88 -15.66 -0.37 -11.37
CA ALA A 88 -15.64 1.09 -11.20
C ALA A 88 -14.77 1.78 -12.27
N ALA A 89 -13.58 1.23 -12.50
CA ALA A 89 -12.62 1.79 -13.45
C ALA A 89 -13.17 1.93 -14.87
N ARG A 90 -13.79 0.86 -15.37
CA ARG A 90 -14.34 0.87 -16.72
C ARG A 90 -15.41 1.96 -16.85
N LYS A 91 -16.20 2.13 -15.79
CA LYS A 91 -17.24 3.15 -15.78
C LYS A 91 -16.64 4.56 -15.73
N ALA A 92 -15.55 4.72 -14.99
CA ALA A 92 -14.87 6.01 -14.90
C ALA A 92 -14.24 6.42 -16.25
N LEU A 93 -13.68 5.45 -16.98
CA LEU A 93 -13.10 5.70 -18.29
C LEU A 93 -14.17 6.15 -19.31
N ILE A 94 -15.35 5.55 -19.22
CA ILE A 94 -16.49 5.96 -20.04
C ILE A 94 -16.88 7.40 -19.71
N ASP A 95 -16.95 7.72 -18.41
CA ASP A 95 -17.28 9.06 -17.96
C ASP A 95 -16.31 10.11 -18.51
N ALA A 96 -15.03 9.75 -18.53
CA ALA A 96 -14.00 10.65 -19.07
C ALA A 96 -13.86 10.54 -20.58
N ASN A 97 -14.65 9.64 -21.18
CA ASN A 97 -14.57 9.36 -22.62
C ASN A 97 -13.13 9.13 -23.14
N ILE A 98 -12.35 8.32 -22.42
CA ILE A 98 -11.04 7.90 -22.92
C ILE A 98 -10.87 6.38 -22.85
N GLY A 99 -9.95 5.86 -23.66
CA GLY A 99 -9.60 4.46 -23.61
C GLY A 99 -8.45 4.20 -22.64
N ILE A 100 -8.32 2.94 -22.22
CA ILE A 100 -7.30 2.54 -21.25
C ILE A 100 -5.88 2.84 -21.75
N GLU A 101 -5.69 2.94 -23.07
CA GLU A 101 -4.36 3.20 -23.63
C GLU A 101 -3.82 4.58 -23.24
N LYS A 102 -4.71 5.46 -22.77
CA LYS A 102 -4.31 6.82 -22.37
C LYS A 102 -3.73 6.90 -20.95
N ILE A 103 -4.01 5.86 -20.15
CA ILE A 103 -3.66 5.88 -18.73
C ILE A 103 -2.16 5.65 -18.51
N GLY A 104 -1.52 6.59 -17.82
CA GLY A 104 -0.10 6.49 -17.55
C GLY A 104 0.19 6.05 -16.13
N LEU A 105 -0.86 6.04 -15.29
CA LEU A 105 -0.71 5.69 -13.88
C LEU A 105 -2.00 5.08 -13.35
N LEU A 106 -1.87 3.98 -12.60
CA LEU A 106 -3.03 3.38 -11.91
C LEU A 106 -2.65 3.06 -10.45
N ILE A 107 -3.38 3.68 -9.52
CA ILE A 107 -3.19 3.43 -8.10
C ILE A 107 -4.45 2.82 -7.50
N ASN A 108 -4.29 1.70 -6.80
CA ASN A 108 -5.40 1.08 -6.08
C ASN A 108 -5.29 1.42 -4.59
N THR A 109 -6.35 1.98 -4.01
CA THR A 109 -6.26 2.53 -2.66
C THR A 109 -7.08 1.77 -1.60
N SER A 110 -7.57 0.58 -1.94
CA SER A 110 -8.50 -0.13 -1.05
C SER A 110 -7.84 -0.75 0.19
N VAL A 111 -8.62 -0.86 1.25
CA VAL A 111 -8.25 -1.65 2.43
C VAL A 111 -8.30 -3.14 2.07
N SER A 112 -9.39 -3.55 1.42
CA SER A 112 -9.51 -4.92 0.91
C SER A 112 -8.40 -5.21 -0.09
N ARG A 113 -7.88 -6.43 -0.07
CA ARG A 113 -6.89 -6.83 -1.06
C ARG A 113 -6.95 -8.31 -1.39
N ASP A 114 -6.67 -8.64 -2.66
CA ASP A 114 -6.68 -10.03 -3.10
C ASP A 114 -5.58 -10.85 -2.39
N TYR A 115 -4.35 -10.31 -2.36
CA TYR A 115 -3.21 -11.00 -1.73
C TYR A 115 -2.29 -9.96 -1.08
N LEU A 116 -1.32 -10.42 -0.28
CA LEU A 116 -0.28 -9.51 0.21
C LEU A 116 0.60 -9.10 -0.97
N GLU A 117 0.80 -10.06 -1.88
CA GLU A 117 1.49 -9.83 -3.16
C GLU A 117 0.92 -10.77 -4.22
N PRO A 118 0.75 -10.28 -5.46
CA PRO A 118 1.12 -8.95 -5.97
C PRO A 118 0.12 -7.88 -5.59
N SER A 119 0.37 -6.64 -6.01
CA SER A 119 -0.54 -5.56 -5.68
C SER A 119 -1.90 -5.81 -6.34
N THR A 120 -2.95 -5.29 -5.73
CA THR A 120 -4.28 -5.34 -6.32
C THR A 120 -4.30 -4.49 -7.59
N ALA A 121 -3.55 -3.38 -7.58
CA ALA A 121 -3.45 -2.50 -8.75
C ALA A 121 -3.01 -3.26 -10.00
N SER A 122 -2.05 -4.17 -9.86
N SER A 122 -2.03 -4.15 -9.83
CA SER A 122 -1.55 -4.92 -11.01
CA SER A 122 -1.51 -4.97 -10.91
C SER A 122 -2.59 -5.92 -11.52
C SER A 122 -2.60 -5.87 -11.49
N ILE A 123 -3.45 -6.40 -10.63
CA ILE A 123 -4.55 -7.28 -11.05
C ILE A 123 -5.59 -6.48 -11.83
N VAL A 124 -5.97 -5.32 -11.30
CA VAL A 124 -6.89 -4.42 -12.02
C VAL A 124 -6.30 -4.02 -13.36
N SER A 125 -5.02 -3.65 -13.36
CA SER A 125 -4.32 -3.22 -14.58
C SER A 125 -4.30 -4.31 -15.65
N GLY A 126 -4.13 -5.56 -15.22
CA GLY A 126 -4.16 -6.69 -16.13
C GLY A 126 -5.55 -6.91 -16.71
N ASN A 127 -6.57 -6.81 -15.86
CA ASN A 127 -7.97 -6.92 -16.30
C ASN A 127 -8.32 -5.87 -17.36
N LEU A 128 -7.83 -4.65 -17.18
CA LEU A 128 -8.15 -3.54 -18.10
C LEU A 128 -7.34 -3.55 -19.38
N GLY A 129 -6.11 -4.08 -19.32
CA GLY A 129 -5.22 -4.05 -20.46
C GLY A 129 -4.40 -2.77 -20.60
N VAL A 130 -3.78 -2.33 -19.51
CA VAL A 130 -2.93 -1.14 -19.56
C VAL A 130 -1.68 -1.41 -20.40
N SER A 131 -1.03 -0.34 -20.87
CA SER A 131 0.16 -0.46 -21.70
C SER A 131 1.39 -0.79 -20.86
N ASP A 132 2.47 -1.21 -21.52
CA ASP A 132 3.72 -1.52 -20.81
C ASP A 132 4.43 -0.26 -20.29
N HIS A 133 3.84 0.90 -20.53
CA HIS A 133 4.37 2.16 -20.01
C HIS A 133 3.62 2.61 -18.75
N CYS A 134 2.54 1.90 -18.42
CA CYS A 134 1.71 2.28 -17.27
C CYS A 134 2.36 1.93 -15.93
N MET A 135 2.44 2.92 -15.04
CA MET A 135 2.97 2.72 -13.69
C MET A 135 1.83 2.36 -12.73
N THR A 136 2.00 1.27 -11.97
CA THR A 136 0.95 0.78 -11.06
C THR A 136 1.50 0.33 -9.70
N PHE A 137 0.69 0.53 -8.65
CA PHE A 137 1.00 0.08 -7.28
C PHE A 137 -0.19 0.33 -6.35
N ASP A 138 -0.20 -0.29 -5.16
CA ASP A 138 -1.25 -0.01 -4.18
C ASP A 138 -0.78 1.04 -3.17
N VAL A 139 -1.71 1.86 -2.72
CA VAL A 139 -1.50 2.69 -1.53
C VAL A 139 -2.51 2.25 -0.47
N ALA A 140 -2.05 2.08 0.77
CA ALA A 140 -2.96 1.69 1.86
C ALA A 140 -2.81 2.62 3.07
N ASN A 141 -3.94 3.16 3.55
CA ASN A 141 -3.92 4.12 4.65
C ASN A 141 -5.29 4.22 5.30
N ALA A 142 -5.89 3.06 5.59
CA ALA A 142 -7.26 3.00 6.10
C ALA A 142 -8.21 3.79 5.20
N SER A 143 -9.03 4.66 5.80
N SER A 143 -9.05 4.64 5.79
CA SER A 143 -10.11 5.33 5.08
CA SER A 143 -10.11 5.31 5.04
C SER A 143 -9.72 6.61 4.33
C SER A 143 -9.71 6.61 4.31
N LEU A 144 -8.45 7.02 4.43
CA LEU A 144 -7.98 8.24 3.75
C LEU A 144 -7.22 7.98 2.46
N ALA A 145 -6.99 6.71 2.15
CA ALA A 145 -6.09 6.33 1.05
C ALA A 145 -6.48 6.85 -0.34
N PHE A 146 -7.77 7.07 -0.59
CA PHE A 146 -8.17 7.55 -1.90
C PHE A 146 -7.69 8.98 -2.10
N ILE A 147 -7.74 9.78 -1.04
CA ILE A 147 -7.21 11.13 -1.08
C ILE A 147 -5.68 11.08 -1.27
N ASN A 148 -5.03 10.15 -0.56
CA ASN A 148 -3.59 9.94 -0.77
C ASN A 148 -3.27 9.60 -2.22
N GLY A 149 -4.07 8.72 -2.82
CA GLY A 149 -3.88 8.35 -4.21
C GLY A 149 -4.08 9.52 -5.16
N MET A 150 -5.09 10.34 -4.91
CA MET A 150 -5.33 11.56 -5.68
C MET A 150 -4.13 12.51 -5.60
N ASP A 151 -3.55 12.63 -4.41
CA ASP A 151 -2.40 13.53 -4.20
C ASP A 151 -1.15 13.06 -4.96
N ILE A 152 -0.89 11.74 -4.91
CA ILE A 152 0.24 11.15 -5.62
C ILE A 152 0.07 11.28 -7.14
N ALA A 153 -1.14 11.01 -7.63
CA ALA A 153 -1.44 11.22 -9.04
C ALA A 153 -1.26 12.68 -9.43
N ALA A 154 -1.75 13.58 -8.58
CA ALA A 154 -1.71 15.00 -8.88
C ALA A 154 -0.28 15.54 -9.04
N ARG A 155 0.66 15.03 -8.26
CA ARG A 155 2.06 15.49 -8.35
C ARG A 155 2.71 15.09 -9.67
N MET A 156 2.36 13.92 -10.19
CA MET A 156 2.87 13.48 -11.49
C MET A 156 2.19 14.26 -12.62
N LEU A 157 0.91 14.54 -12.45
CA LEU A 157 0.14 15.26 -13.47
C LEU A 157 0.58 16.71 -13.59
N GLU A 158 0.78 17.35 -12.45
CA GLU A 158 1.21 18.75 -12.42
C GLU A 158 2.58 18.92 -13.10
N ARG A 159 3.47 17.95 -12.92
CA ARG A 159 4.80 17.98 -13.54
C ARG A 159 4.73 17.68 -15.04
N GLY A 160 3.63 17.07 -15.47
CA GLY A 160 3.47 16.69 -16.87
C GLY A 160 4.19 15.40 -17.23
N GLU A 161 4.40 14.54 -16.23
CA GLU A 161 4.98 13.21 -16.45
C GLU A 161 3.99 12.29 -17.17
N ILE A 162 2.71 12.50 -16.89
CA ILE A 162 1.65 11.72 -17.50
C ILE A 162 0.50 12.63 -17.92
N ASP A 163 -0.42 12.09 -18.71
CA ASP A 163 -1.59 12.86 -19.15
C ASP A 163 -2.83 12.48 -18.34
N TYR A 164 -2.99 11.19 -18.06
CA TYR A 164 -4.16 10.69 -17.35
C TYR A 164 -3.76 9.66 -16.31
N ALA A 165 -4.52 9.59 -15.22
CA ALA A 165 -4.29 8.61 -14.17
C ALA A 165 -5.60 7.99 -13.73
N LEU A 166 -5.53 6.75 -13.24
CA LEU A 166 -6.69 6.10 -12.64
C LEU A 166 -6.44 5.86 -11.15
N VAL A 167 -7.39 6.24 -10.31
CA VAL A 167 -7.33 5.95 -8.88
C VAL A 167 -8.56 5.09 -8.60
N VAL A 168 -8.33 3.85 -8.15
CA VAL A 168 -9.42 2.87 -8.03
C VAL A 168 -9.50 2.27 -6.63
N ASP A 169 -10.69 1.80 -6.26
CA ASP A 169 -10.91 1.34 -4.90
C ASP A 169 -12.18 0.47 -4.80
N GLY A 170 -12.00 -0.83 -4.56
CA GLY A 170 -13.10 -1.73 -4.31
C GLY A 170 -13.03 -2.30 -2.89
N GLU A 171 -14.14 -2.31 -2.18
CA GLU A 171 -14.15 -2.84 -0.82
C GLU A 171 -15.06 -4.06 -0.68
N THR A 172 -14.56 -5.09 0.01
CA THR A 172 -15.31 -6.31 0.27
CA THR A 172 -15.37 -6.26 0.28
C THR A 172 -15.46 -6.55 1.78
N ALA A 173 -16.69 -6.60 2.28
CA ALA A 173 -16.93 -6.83 3.69
C ALA A 173 -17.64 -8.16 3.95
N ASN A 174 -17.84 -8.96 2.90
CA ASN A 174 -18.56 -10.23 3.01
C ASN A 174 -18.02 -11.14 4.11
N LEU A 175 -16.70 -11.34 4.11
CA LEU A 175 -16.06 -12.28 5.03
C LEU A 175 -16.09 -11.80 6.48
N VAL A 176 -15.87 -10.51 6.69
CA VAL A 176 -15.93 -9.97 8.05
C VAL A 176 -17.35 -10.06 8.61
N TYR A 177 -18.36 -9.86 7.78
CA TYR A 177 -19.73 -10.08 8.24
C TYR A 177 -19.97 -11.54 8.64
N GLU A 178 -19.63 -12.46 7.74
CA GLU A 178 -19.82 -13.90 7.97
C GLU A 178 -19.17 -14.38 9.28
N LYS A 179 -17.89 -14.04 9.46
CA LYS A 179 -17.15 -14.56 10.61
C LYS A 179 -17.49 -13.86 11.93
N THR A 180 -17.69 -12.55 11.87
CA THR A 180 -18.09 -11.78 13.06
C THR A 180 -19.44 -12.28 13.58
N LEU A 181 -20.39 -12.49 12.67
CA LEU A 181 -21.72 -12.95 13.08
C LEU A 181 -21.69 -14.36 13.70
N GLU A 182 -20.80 -15.22 13.21
CA GLU A 182 -20.66 -16.55 13.79
C GLU A 182 -20.07 -16.45 15.19
N ARG A 183 -18.99 -15.66 15.32
CA ARG A 183 -18.35 -15.48 16.62
C ARG A 183 -19.31 -14.89 17.64
N MET A 184 -20.07 -13.87 17.23
CA MET A 184 -20.96 -13.16 18.16
C MET A 184 -22.21 -13.97 18.52
N THR A 185 -22.53 -14.99 17.72
CA THR A 185 -23.65 -15.88 18.01
C THR A 185 -23.20 -17.17 18.73
N SER A 186 -21.92 -17.21 19.12
CA SER A 186 -21.39 -18.36 19.85
C SER A 186 -21.84 -18.35 21.32
N PRO A 187 -22.09 -19.55 21.88
CA PRO A 187 -22.51 -19.73 23.29
C PRO A 187 -21.54 -19.09 24.28
N ASP A 188 -20.26 -19.02 23.90
CA ASP A 188 -19.20 -18.60 24.83
C ASP A 188 -18.58 -17.26 24.45
N VAL A 189 -19.27 -16.47 23.63
CA VAL A 189 -18.76 -15.15 23.29
C VAL A 189 -18.82 -14.29 24.55
N THR A 190 -17.75 -13.54 24.82
CA THR A 190 -17.72 -12.68 25.99
C THR A 190 -18.29 -11.31 25.64
N GLU A 191 -18.77 -10.62 26.67
CA GLU A 191 -19.28 -9.26 26.54
C GLU A 191 -18.22 -8.35 25.92
N GLU A 192 -16.97 -8.52 26.34
CA GLU A 192 -15.87 -7.73 25.82
C GLU A 192 -15.62 -7.97 24.33
N GLU A 193 -15.55 -9.24 23.93
CA GLU A 193 -15.38 -9.59 22.51
C GLU A 193 -16.53 -9.04 21.66
N PHE A 194 -17.75 -9.11 22.21
CA PHE A 194 -18.93 -8.59 21.53
C PHE A 194 -18.78 -7.09 21.25
N ARG A 195 -18.45 -6.31 22.28
CA ARG A 195 -18.31 -4.86 22.12
C ARG A 195 -17.17 -4.50 21.17
N ASN A 196 -16.06 -5.22 21.27
CA ASN A 196 -14.88 -4.93 20.44
C ASN A 196 -15.13 -5.09 18.95
N GLU A 197 -16.02 -6.02 18.60
CA GLU A 197 -16.21 -6.39 17.20
C GLU A 197 -17.49 -5.79 16.58
N LEU A 198 -18.30 -5.13 17.41
CA LEU A 198 -19.59 -4.59 16.94
C LEU A 198 -19.47 -3.61 15.76
N ALA A 199 -18.40 -2.81 15.75
CA ALA A 199 -18.20 -1.82 14.70
C ALA A 199 -18.05 -2.46 13.31
N ALA A 200 -17.61 -3.71 13.29
CA ALA A 200 -17.53 -4.46 12.03
C ALA A 200 -18.89 -4.53 11.33
N LEU A 201 -19.96 -4.47 12.11
CA LEU A 201 -21.31 -4.59 11.56
C LEU A 201 -21.84 -3.24 11.07
N THR A 202 -20.97 -2.24 11.00
CA THR A 202 -21.33 -0.95 10.39
C THR A 202 -20.64 -0.77 9.04
N LEU A 203 -19.84 -1.77 8.64
CA LEU A 203 -19.13 -1.71 7.37
C LEU A 203 -20.03 -2.03 6.19
N GLY A 204 -19.60 -1.66 4.98
CA GLY A 204 -20.37 -1.91 3.77
C GLY A 204 -19.52 -2.19 2.54
N CYS A 205 -20.12 -2.80 1.52
CA CYS A 205 -19.41 -3.05 0.26
C CYS A 205 -19.71 -1.95 -0.76
N GLY A 206 -18.76 -1.70 -1.66
CA GLY A 206 -18.93 -0.73 -2.73
C GLY A 206 -17.61 -0.46 -3.43
N ALA A 207 -17.67 0.28 -4.55
CA ALA A 207 -16.45 0.61 -5.29
C ALA A 207 -16.50 2.01 -5.89
N ALA A 208 -15.33 2.60 -6.12
CA ALA A 208 -15.23 3.89 -6.81
C ALA A 208 -13.94 3.99 -7.63
N ALA A 209 -13.98 4.81 -8.68
CA ALA A 209 -12.78 5.09 -9.47
C ALA A 209 -12.86 6.50 -10.05
N MET A 210 -11.70 7.13 -10.19
CA MET A 210 -11.63 8.49 -10.71
C MET A 210 -10.53 8.56 -11.78
N VAL A 211 -10.83 9.22 -12.89
CA VAL A 211 -9.81 9.52 -13.90
C VAL A 211 -9.37 10.95 -13.68
N MET A 212 -8.08 11.14 -13.37
CA MET A 212 -7.53 12.48 -13.23
C MET A 212 -6.68 12.82 -14.46
N ALA A 213 -6.61 14.11 -14.79
CA ALA A 213 -5.94 14.55 -16.03
C ALA A 213 -5.30 15.93 -15.86
N ARG A 214 -4.36 16.25 -16.75
CA ARG A 214 -3.80 17.60 -16.81
C ARG A 214 -4.91 18.52 -17.33
N SER A 215 -5.10 19.68 -16.70
CA SER A 215 -6.25 20.53 -17.02
C SER A 215 -6.34 20.94 -18.48
N GLU A 216 -5.18 21.03 -19.14
CA GLU A 216 -5.11 21.42 -20.55
C GLU A 216 -5.96 20.50 -21.45
N LEU A 217 -6.09 19.24 -21.06
CA LEU A 217 -6.81 18.26 -21.87
C LEU A 217 -8.32 18.31 -21.63
N VAL A 218 -8.71 18.86 -20.47
CA VAL A 218 -10.12 18.94 -20.08
C VAL A 218 -10.46 20.29 -19.44
N PRO A 219 -10.52 21.35 -20.27
CA PRO A 219 -10.68 22.73 -19.80
C PRO A 219 -11.92 22.98 -18.94
N ASP A 220 -12.98 22.18 -19.11
CA ASP A 220 -14.24 22.40 -18.41
C ASP A 220 -14.47 21.43 -17.25
N ALA A 221 -13.50 20.56 -17.00
CA ALA A 221 -13.59 19.61 -15.88
C ALA A 221 -13.26 20.29 -14.55
N PRO A 222 -13.78 19.73 -13.44
CA PRO A 222 -13.49 20.24 -12.09
C PRO A 222 -12.00 20.22 -11.77
N ARG A 223 -11.56 21.11 -10.87
CA ARG A 223 -10.16 21.20 -10.47
C ARG A 223 -9.94 20.65 -9.07
N TYR A 224 -8.87 19.87 -8.89
CA TYR A 224 -8.47 19.38 -7.57
C TYR A 224 -7.27 20.17 -7.07
N LYS A 225 -7.38 20.76 -5.88
CA LYS A 225 -6.32 21.63 -5.36
C LYS A 225 -5.41 20.94 -4.36
N GLY A 226 -5.84 19.79 -3.84
CA GLY A 226 -5.15 19.19 -2.72
C GLY A 226 -5.59 19.86 -1.44
N GLY A 227 -4.78 19.72 -0.39
CA GLY A 227 -5.10 20.29 0.91
C GLY A 227 -4.10 19.96 1.98
N VAL A 228 -4.58 19.63 3.18
CA VAL A 228 -3.71 19.45 4.34
C VAL A 228 -3.90 18.10 5.04
N THR A 229 -2.89 17.70 5.81
CA THR A 229 -2.95 16.46 6.59
C THR A 229 -2.31 16.70 7.97
N ARG A 230 -2.97 16.20 9.02
CA ARG A 230 -2.40 16.17 10.36
C ARG A 230 -2.57 14.75 10.90
N SER A 231 -1.75 14.35 11.86
CA SER A 231 -1.78 12.95 12.30
C SER A 231 -1.66 12.79 13.81
N ALA A 232 -2.08 11.63 14.31
CA ALA A 232 -1.88 11.26 15.71
C ALA A 232 -1.63 9.76 15.78
N THR A 233 -0.43 9.37 15.37
CA THR A 233 -0.08 7.96 15.21
C THR A 233 0.09 7.20 16.54
N GLU A 234 0.06 7.90 17.67
CA GLU A 234 0.09 7.24 18.97
C GLU A 234 -1.24 6.52 19.26
N TRP A 235 -2.24 6.72 18.40
CA TRP A 235 -3.53 6.07 18.56
C TRP A 235 -3.75 4.95 17.55
N ASN A 236 -2.65 4.36 17.05
CA ASN A 236 -2.73 3.33 16.02
C ASN A 236 -3.43 2.03 16.46
N LYS A 237 -3.56 1.81 17.76
CA LYS A 237 -4.19 0.59 18.27
C LYS A 237 -5.73 0.61 18.30
N LEU A 238 -6.33 1.79 18.14
CA LEU A 238 -7.78 1.96 18.35
C LEU A 238 -8.69 1.16 17.41
N CYS A 239 -8.25 0.98 16.16
CA CYS A 239 -9.02 0.20 15.20
C CYS A 239 -8.08 -0.70 14.40
N ARG A 240 -8.19 -2.00 14.64
CA ARG A 240 -7.33 -2.97 13.97
C ARG A 240 -8.17 -3.96 13.17
N GLY A 241 -7.92 -4.05 11.87
CA GLY A 241 -8.73 -4.88 11.00
C GLY A 241 -7.98 -5.87 10.12
N ASN A 242 -8.61 -7.04 9.94
CA ASN A 242 -8.16 -8.03 8.97
C ASN A 242 -9.35 -8.51 8.14
N LEU A 243 -9.13 -9.51 7.29
CA LEU A 243 -10.18 -9.95 6.36
C LEU A 243 -11.42 -10.53 7.06
N ASP A 244 -11.23 -11.15 8.22
CA ASP A 244 -12.33 -11.82 8.93
C ASP A 244 -12.72 -11.16 10.27
N ARG A 245 -12.02 -10.10 10.65
CA ARG A 245 -12.28 -9.49 11.95
C ARG A 245 -11.85 -8.03 12.05
N MET A 246 -12.68 -7.21 12.71
CA MET A 246 -12.29 -5.84 13.04
C MET A 246 -12.55 -5.54 14.52
N VAL A 247 -11.52 -5.04 15.20
CA VAL A 247 -11.61 -4.68 16.61
C VAL A 247 -11.49 -3.16 16.76
N THR A 248 -12.41 -2.55 17.51
CA THR A 248 -12.52 -1.09 17.55
C THR A 248 -12.86 -0.49 18.93
N ASP A 249 -12.10 0.51 19.36
CA ASP A 249 -12.50 1.32 20.52
C ASP A 249 -13.30 2.51 20.01
N THR A 250 -14.61 2.34 19.91
CA THR A 250 -15.51 3.34 19.38
C THR A 250 -15.50 4.66 20.16
N ARG A 251 -15.58 4.56 21.49
CA ARG A 251 -15.58 5.72 22.37
C ARG A 251 -14.34 6.59 22.17
N LEU A 252 -13.17 5.97 22.22
CA LEU A 252 -11.90 6.69 22.09
C LEU A 252 -11.68 7.25 20.68
N LEU A 253 -12.14 6.51 19.66
CA LEU A 253 -12.04 7.00 18.28
C LEU A 253 -12.78 8.32 18.08
N LEU A 254 -13.97 8.42 18.66
CA LEU A 254 -14.76 9.65 18.59
C LEU A 254 -13.99 10.80 19.20
N ILE A 255 -13.61 10.63 20.46
CA ILE A 255 -12.91 11.68 21.19
C ILE A 255 -11.60 12.12 20.52
N GLU A 256 -10.76 11.17 20.11
CA GLU A 256 -9.46 11.53 19.56
C GLU A 256 -9.56 11.98 18.10
N GLY A 257 -10.59 11.49 17.40
CA GLY A 257 -10.85 11.92 16.04
C GLY A 257 -11.17 13.41 15.94
N ILE A 258 -12.12 13.86 16.74
CA ILE A 258 -12.54 15.26 16.75
C ILE A 258 -11.39 16.18 17.15
N LYS A 259 -10.61 15.73 18.14
CA LYS A 259 -9.38 16.44 18.51
C LYS A 259 -8.48 16.65 17.31
N LEU A 260 -8.19 15.58 16.58
CA LEU A 260 -7.30 15.64 15.42
C LEU A 260 -7.90 16.48 14.29
N ALA A 261 -9.20 16.32 14.07
CA ALA A 261 -9.90 17.09 13.06
C ALA A 261 -9.85 18.59 13.36
N GLN A 262 -9.79 18.93 14.65
CA GLN A 262 -9.69 20.33 15.08
C GLN A 262 -8.36 20.96 14.65
N LYS A 263 -7.26 20.19 14.79
CA LYS A 263 -5.94 20.66 14.37
C LYS A 263 -5.94 20.86 12.86
N THR A 264 -6.57 19.94 12.16
CA THR A 264 -6.57 19.93 10.71
C THR A 264 -7.33 21.15 10.16
N PHE A 265 -8.44 21.51 10.79
CA PHE A 265 -9.21 22.68 10.38
C PHE A 265 -8.42 23.99 10.53
N VAL A 266 -7.70 24.13 11.64
CA VAL A 266 -6.81 25.28 11.83
C VAL A 266 -5.83 25.38 10.67
N ALA A 267 -5.23 24.25 10.32
CA ALA A 267 -4.31 24.19 9.19
C ALA A 267 -5.01 24.48 7.88
N ALA A 268 -6.26 24.05 7.76
CA ALA A 268 -7.04 24.22 6.52
C ALA A 268 -7.38 25.69 6.27
N LYS A 269 -7.57 26.44 7.35
CA LYS A 269 -7.80 27.89 7.25
C LYS A 269 -6.53 28.60 6.79
N GLN A 270 -5.37 28.08 7.20
CA GLN A 270 -4.09 28.66 6.83
C GLN A 270 -3.77 28.49 5.33
N VAL A 271 -3.83 27.26 4.83
CA VAL A 271 -3.37 26.99 3.47
C VAL A 271 -4.47 26.98 2.39
N LEU A 272 -5.71 26.68 2.77
CA LEU A 272 -6.82 26.68 1.82
C LEU A 272 -7.67 27.95 1.95
N GLY A 273 -7.49 28.68 3.05
CA GLY A 273 -8.28 29.87 3.33
C GLY A 273 -9.76 29.55 3.54
N TRP A 274 -10.02 28.47 4.26
CA TRP A 274 -11.39 27.98 4.47
C TRP A 274 -12.23 28.78 5.47
N ALA A 275 -13.47 29.07 5.05
CA ALA A 275 -14.51 29.52 5.97
C ALA A 275 -15.74 28.67 5.67
N VAL A 276 -16.29 28.01 6.68
CA VAL A 276 -17.35 27.01 6.51
C VAL A 276 -18.57 27.50 5.73
N GLU A 277 -18.99 28.73 5.97
CA GLU A 277 -20.14 29.31 5.27
C GLU A 277 -19.85 29.54 3.78
N GLU A 278 -18.57 29.66 3.43
CA GLU A 278 -18.15 29.88 2.05
C GLU A 278 -18.02 28.58 1.23
N LEU A 279 -17.96 27.45 1.92
CA LEU A 279 -17.94 26.16 1.22
C LEU A 279 -19.36 25.73 0.84
N ASP A 280 -19.50 25.06 -0.31
CA ASP A 280 -20.82 24.66 -0.81
C ASP A 280 -21.22 23.23 -0.44
N GLN A 281 -20.23 22.32 -0.43
CA GLN A 281 -20.48 20.94 -0.05
C GLN A 281 -19.39 20.45 0.87
N PHE A 282 -19.75 19.63 1.86
CA PHE A 282 -18.76 18.93 2.66
C PHE A 282 -18.93 17.45 2.42
N VAL A 283 -17.94 16.82 1.79
CA VAL A 283 -17.96 15.39 1.54
C VAL A 283 -17.12 14.74 2.63
N ILE A 284 -17.77 14.09 3.58
CA ILE A 284 -17.11 13.65 4.81
C ILE A 284 -17.10 12.14 4.94
N HIS A 285 -15.94 11.55 5.24
CA HIS A 285 -15.90 10.12 5.55
C HIS A 285 -16.68 9.87 6.84
N GLN A 286 -17.52 8.83 6.85
N GLN A 286 -17.45 8.78 6.86
CA GLN A 286 -18.40 8.62 7.99
CA GLN A 286 -18.45 8.55 7.90
C GLN A 286 -18.27 7.24 8.62
C GLN A 286 -18.29 7.20 8.62
N VAL A 287 -18.32 7.22 9.95
CA VAL A 287 -18.17 5.98 10.73
C VAL A 287 -19.44 5.64 11.54
N SER A 288 -20.23 6.68 11.87
CA SER A 288 -21.55 6.50 12.50
C SER A 288 -22.30 7.83 12.55
N ARG A 289 -23.62 7.74 12.69
CA ARG A 289 -24.47 8.94 12.79
C ARG A 289 -24.12 9.90 13.94
N PRO A 290 -23.93 9.36 15.17
CA PRO A 290 -23.53 10.27 16.26
C PRO A 290 -22.13 10.86 16.07
N HIS A 291 -21.21 10.11 15.48
CA HIS A 291 -19.87 10.65 15.21
CA HIS A 291 -19.88 10.64 15.21
C HIS A 291 -19.98 11.84 14.26
N THR A 292 -20.75 11.66 13.19
CA THR A 292 -20.93 12.70 12.17
C THR A 292 -21.58 13.97 12.73
N ALA A 293 -22.63 13.78 13.51
CA ALA A 293 -23.31 14.91 14.13
C ALA A 293 -22.39 15.67 15.10
N ALA A 294 -21.54 14.91 15.81
CA ALA A 294 -20.55 15.51 16.69
C ALA A 294 -19.56 16.36 15.89
N PHE A 295 -19.15 15.83 14.74
CA PHE A 295 -18.22 16.52 13.86
C PHE A 295 -18.83 17.83 13.33
N VAL A 296 -20.03 17.75 12.75
CA VAL A 296 -20.65 18.94 12.18
CA VAL A 296 -20.71 18.91 12.19
C VAL A 296 -20.98 19.99 13.25
N LYS A 297 -21.46 19.56 14.41
CA LYS A 297 -21.74 20.45 15.54
C LYS A 297 -20.46 21.14 16.00
N SER A 298 -19.38 20.36 16.13
CA SER A 298 -18.10 20.85 16.60
C SER A 298 -17.56 22.03 15.78
N PHE A 299 -17.73 21.94 14.46
CA PHE A 299 -17.11 22.92 13.57
C PHE A 299 -18.11 23.87 12.89
N GLY A 300 -19.35 23.89 13.39
CA GLY A 300 -20.37 24.81 12.92
C GLY A 300 -20.82 24.64 11.46
N ILE A 301 -20.87 23.40 11.00
CA ILE A 301 -21.20 23.11 9.60
C ILE A 301 -22.71 23.03 9.35
N ASP A 302 -23.17 23.63 8.26
CA ASP A 302 -24.56 23.52 7.83
C ASP A 302 -24.86 22.09 7.38
N PRO A 303 -25.70 21.36 8.14
CA PRO A 303 -25.99 19.95 7.85
C PRO A 303 -26.61 19.72 6.47
N ALA A 304 -27.27 20.74 5.90
CA ALA A 304 -27.82 20.66 4.55
C ALA A 304 -26.73 20.47 3.49
N LYS A 305 -25.49 20.78 3.87
CA LYS A 305 -24.36 20.67 2.96
C LYS A 305 -23.57 19.40 3.21
N VAL A 306 -24.15 18.49 4.00
CA VAL A 306 -23.47 17.22 4.31
C VAL A 306 -24.34 16.03 3.87
N MET A 307 -23.97 15.41 2.76
CA MET A 307 -24.71 14.22 2.30
C MET A 307 -24.22 12.97 3.01
N THR A 308 -25.14 12.13 3.43
CA THR A 308 -24.78 10.89 4.11
C THR A 308 -25.42 9.70 3.41
N ILE A 309 -24.64 8.62 3.24
CA ILE A 309 -25.16 7.37 2.70
C ILE A 309 -24.99 6.26 3.74
N PHE A 310 -24.55 6.63 4.93
CA PHE A 310 -24.26 5.65 5.98
C PHE A 310 -25.49 4.82 6.38
N GLY A 311 -26.64 5.48 6.48
CA GLY A 311 -27.86 4.81 6.88
C GLY A 311 -28.21 3.58 6.04
N GLU A 312 -27.87 3.62 4.76
CA GLU A 312 -28.23 2.54 3.83
C GLU A 312 -27.05 1.80 3.22
N HIS A 313 -25.83 2.36 3.36
CA HIS A 313 -24.65 1.71 2.80
C HIS A 313 -23.57 1.43 3.85
N GLY A 314 -23.70 2.04 5.02
CA GLY A 314 -22.70 1.91 6.05
C GLY A 314 -21.37 2.53 5.66
N ASN A 315 -20.31 2.05 6.30
CA ASN A 315 -18.96 2.60 6.14
C ASN A 315 -18.19 1.82 5.07
N ILE A 316 -17.93 2.46 3.92
CA ILE A 316 -17.28 1.79 2.80
C ILE A 316 -15.78 2.09 2.78
N GLY A 317 -15.24 2.42 3.95
CA GLY A 317 -13.82 2.71 4.09
C GLY A 317 -13.37 3.82 3.18
N PRO A 318 -12.19 3.66 2.56
CA PRO A 318 -11.58 4.71 1.71
C PRO A 318 -12.37 5.01 0.44
N ALA A 319 -13.29 4.14 0.04
CA ALA A 319 -14.14 4.44 -1.11
C ALA A 319 -15.28 5.40 -0.76
N SER A 320 -15.52 5.61 0.54
CA SER A 320 -16.67 6.42 0.98
C SER A 320 -16.69 7.82 0.38
N VAL A 321 -15.56 8.53 0.51
CA VAL A 321 -15.47 9.91 0.00
C VAL A 321 -15.76 10.03 -1.50
N PRO A 322 -15.06 9.24 -2.35
CA PRO A 322 -15.40 9.40 -3.77
C PRO A 322 -16.77 8.80 -4.14
N ILE A 323 -17.26 7.82 -3.40
CA ILE A 323 -18.61 7.32 -3.69
C ILE A 323 -19.64 8.42 -3.44
N VAL A 324 -19.49 9.14 -2.31
CA VAL A 324 -20.39 10.24 -1.98
C VAL A 324 -20.29 11.38 -3.02
N LEU A 325 -19.06 11.73 -3.40
CA LEU A 325 -18.85 12.73 -4.44
C LEU A 325 -19.55 12.33 -5.74
N SER A 326 -19.35 11.09 -6.16
CA SER A 326 -19.95 10.59 -7.39
C SER A 326 -21.48 10.63 -7.30
N LYS A 327 -22.03 10.28 -6.14
CA LYS A 327 -23.48 10.36 -5.94
C LYS A 327 -23.96 11.81 -5.97
N LEU A 328 -23.15 12.73 -5.42
CA LEU A 328 -23.48 14.16 -5.48
C LEU A 328 -23.55 14.65 -6.92
N LYS A 329 -22.58 14.24 -7.73
CA LYS A 329 -22.59 14.57 -9.15
C LYS A 329 -23.86 14.01 -9.80
N GLU A 330 -24.17 12.75 -9.51
CA GLU A 330 -25.32 12.09 -10.16
C GLU A 330 -26.67 12.66 -9.73
N LEU A 331 -26.74 13.24 -8.52
CA LEU A 331 -27.97 13.87 -8.03
C LEU A 331 -28.18 15.27 -8.64
N GLY A 332 -27.17 15.76 -9.34
CA GLY A 332 -27.22 17.10 -9.90
C GLY A 332 -27.02 18.20 -8.86
N ARG A 333 -26.42 17.84 -7.72
CA ARG A 333 -26.21 18.78 -6.62
C ARG A 333 -24.96 19.64 -6.78
N LEU A 334 -24.10 19.29 -7.73
CA LEU A 334 -22.87 20.05 -7.97
C LEU A 334 -22.98 20.90 -9.24
N LYS A 335 -22.66 22.18 -9.12
CA LYS A 335 -22.64 23.07 -10.28
C LYS A 335 -21.28 23.75 -10.44
N LYS A 336 -21.03 24.29 -11.62
CA LYS A 336 -19.79 24.99 -11.93
C LYS A 336 -19.46 26.07 -10.89
N GLY A 337 -18.25 26.00 -10.33
CA GLY A 337 -17.81 27.00 -9.38
C GLY A 337 -18.06 26.63 -7.93
N ASP A 338 -18.85 25.59 -7.69
CA ASP A 338 -19.08 25.08 -6.33
C ASP A 338 -17.74 24.72 -5.68
N ARG A 339 -17.55 25.16 -4.44
CA ARG A 339 -16.36 24.81 -3.68
C ARG A 339 -16.66 23.62 -2.78
N ILE A 340 -15.96 22.51 -3.02
CA ILE A 340 -16.26 21.25 -2.36
C ILE A 340 -15.14 20.80 -1.42
N ALA A 341 -15.47 20.60 -0.14
CA ALA A 341 -14.48 20.13 0.82
C ALA A 341 -14.55 18.63 0.98
N LEU A 342 -13.40 17.97 0.78
CA LEU A 342 -13.27 16.54 1.06
C LEU A 342 -12.64 16.41 2.46
N LEU A 343 -13.36 15.77 3.40
CA LEU A 343 -12.90 15.66 4.79
C LEU A 343 -12.90 14.21 5.28
N GLY A 344 -11.92 13.84 6.08
CA GLY A 344 -11.92 12.51 6.69
C GLY A 344 -10.97 12.30 7.84
N ILE A 345 -11.38 11.48 8.80
CA ILE A 345 -10.48 10.95 9.83
C ILE A 345 -10.36 9.45 9.59
N GLY A 346 -9.12 8.93 9.58
CA GLY A 346 -8.92 7.52 9.31
C GLY A 346 -8.08 6.85 10.39
N SER A 347 -8.24 5.54 10.57
CA SER A 347 -7.44 4.81 11.57
C SER A 347 -5.96 5.10 11.36
N GLY A 348 -5.25 5.32 12.46
CA GLY A 348 -3.88 5.79 12.38
C GLY A 348 -3.39 6.41 13.68
N LEU A 349 -3.97 7.53 14.12
CA LEU A 349 -5.02 8.27 13.39
C LEU A 349 -4.43 9.23 12.36
N ASN A 350 -5.17 9.44 11.28
CA ASN A 350 -4.85 10.46 10.29
C ASN A 350 -6.08 11.32 9.97
N CYS A 351 -5.84 12.56 9.54
CA CYS A 351 -6.94 13.42 9.09
C CYS A 351 -6.49 14.28 7.91
N SER A 352 -7.27 14.25 6.84
CA SER A 352 -6.97 15.03 5.63
C SER A 352 -8.16 15.89 5.19
N MET A 353 -7.85 17.09 4.71
CA MET A 353 -8.89 17.99 4.21
C MET A 353 -8.38 18.63 2.91
N ALA A 354 -9.15 18.43 1.84
CA ALA A 354 -8.76 18.92 0.51
C ALA A 354 -9.96 19.57 -0.18
N GLU A 355 -9.68 20.38 -1.20
CA GLU A 355 -10.73 21.10 -1.90
C GLU A 355 -10.80 20.75 -3.38
N VAL A 356 -12.03 20.60 -3.87
CA VAL A 356 -12.31 20.49 -5.30
C VAL A 356 -13.11 21.73 -5.72
N VAL A 357 -12.78 22.31 -6.86
CA VAL A 357 -13.61 23.38 -7.43
C VAL A 357 -14.29 22.86 -8.69
N TRP A 358 -15.61 22.71 -8.61
CA TRP A 358 -16.34 22.03 -9.68
C TRP A 358 -16.32 22.82 -10.99
N LEU B 22 13.95 14.25 -14.65
CA LEU B 22 14.77 13.72 -13.57
C LEU B 22 14.74 14.62 -12.32
N PHE B 23 14.85 13.99 -11.15
CA PHE B 23 14.97 14.73 -9.89
C PHE B 23 16.31 15.45 -9.79
N GLN B 24 16.27 16.74 -9.46
CA GLN B 24 17.47 17.56 -9.44
C GLN B 24 17.97 17.87 -8.02
N ASN B 25 17.04 17.78 -7.06
CA ASN B 25 17.29 18.24 -5.68
C ASN B 25 16.94 17.20 -4.62
N VAL B 26 17.08 15.92 -4.96
CA VAL B 26 16.78 14.84 -4.02
C VAL B 26 18.03 14.04 -3.66
N SER B 27 18.28 13.88 -2.36
CA SER B 27 19.45 13.16 -1.87
C SER B 27 19.09 12.05 -0.87
N ILE B 28 20.06 11.17 -0.61
CA ILE B 28 19.88 10.09 0.35
C ILE B 28 20.66 10.41 1.62
N ALA B 29 19.98 10.90 2.64
CA ALA B 29 20.67 11.39 3.86
C ALA B 29 21.17 10.28 4.77
N GLY B 30 20.49 9.13 4.76
CA GLY B 30 20.85 8.02 5.61
C GLY B 30 20.28 6.71 5.12
N LEU B 31 20.88 5.60 5.56
CA LEU B 31 20.54 4.27 5.05
C LEU B 31 20.95 3.18 6.04
N ALA B 32 20.10 2.17 6.22
CA ALA B 32 20.42 1.09 7.17
C ALA B 32 19.70 -0.23 6.85
N HIS B 33 20.24 -1.34 7.35
CA HIS B 33 19.62 -2.65 7.16
C HIS B 33 19.69 -3.45 8.44
N ILE B 34 18.80 -4.44 8.58
CA ILE B 34 18.84 -5.37 9.69
C ILE B 34 18.88 -6.81 9.15
N ASP B 35 19.91 -7.56 9.54
CA ASP B 35 19.94 -8.98 9.23
C ASP B 35 19.24 -9.78 10.35
N ALA B 36 18.31 -10.64 9.97
CA ALA B 36 17.62 -11.50 10.94
C ALA B 36 18.61 -12.49 11.57
N PRO B 37 18.39 -12.84 12.86
CA PRO B 37 19.43 -13.49 13.67
C PRO B 37 19.55 -15.02 13.60
N HIS B 38 18.53 -15.72 13.13
CA HIS B 38 18.60 -17.18 13.10
C HIS B 38 18.81 -17.72 11.69
N THR B 39 19.77 -18.62 11.54
CA THR B 39 20.10 -19.23 10.24
C THR B 39 19.38 -20.57 10.05
N LEU B 40 18.64 -20.69 8.95
CA LEU B 40 18.12 -21.98 8.52
C LEU B 40 18.81 -22.35 7.22
N THR B 41 19.69 -23.35 7.24
CA THR B 41 20.39 -23.74 6.02
C THR B 41 19.51 -24.63 5.15
N SER B 42 19.84 -24.73 3.87
CA SER B 42 19.12 -25.62 2.96
C SER B 42 19.41 -27.08 3.26
N LYS B 43 20.59 -27.35 3.83
CA LYS B 43 20.97 -28.70 4.24
C LYS B 43 19.98 -29.18 5.31
N GLU B 44 19.66 -28.29 6.24
CA GLU B 44 18.75 -28.58 7.34
C GLU B 44 17.31 -28.81 6.84
N ILE B 45 16.89 -28.02 5.86
CA ILE B 45 15.57 -28.19 5.25
C ILE B 45 15.48 -29.50 4.48
N ASN B 46 16.53 -29.83 3.73
CA ASN B 46 16.56 -31.07 2.96
C ASN B 46 16.46 -32.33 3.83
N GLU B 47 17.02 -32.26 5.03
CA GLU B 47 16.92 -33.37 5.98
C GLU B 47 15.49 -33.52 6.49
N ARG B 48 14.77 -32.40 6.55
CA ARG B 48 13.36 -32.42 6.93
C ARG B 48 12.56 -32.96 5.76
N LEU B 49 12.93 -32.53 4.54
CA LEU B 49 12.20 -32.91 3.34
C LEU B 49 12.60 -34.28 2.79
N GLN B 50 13.65 -34.89 3.34
CA GLN B 50 14.19 -36.13 2.78
C GLN B 50 13.18 -37.27 2.60
N PRO B 51 12.36 -37.57 3.64
CA PRO B 51 11.37 -38.64 3.40
C PRO B 51 10.37 -38.32 2.28
N THR B 52 10.05 -37.05 2.08
CA THR B 52 9.19 -36.64 0.96
C THR B 52 9.88 -36.83 -0.39
N TYR B 53 11.14 -36.39 -0.48
CA TYR B 53 11.97 -36.57 -1.68
C TYR B 53 11.98 -38.02 -2.13
N ASP B 54 12.11 -38.93 -1.17
CA ASP B 54 12.31 -40.35 -1.48
C ASP B 54 11.04 -41.04 -1.95
N ARG B 55 9.88 -40.57 -1.49
CA ARG B 55 8.62 -41.15 -1.95
C ARG B 55 8.13 -40.50 -3.24
N LEU B 56 8.69 -39.33 -3.56
CA LEU B 56 8.38 -38.66 -4.81
C LEU B 56 9.48 -38.91 -5.85
N GLY B 57 10.53 -39.62 -5.43
CA GLY B 57 11.62 -39.94 -6.32
C GLY B 57 12.41 -38.72 -6.76
N ILE B 58 12.47 -37.71 -5.90
CA ILE B 58 13.30 -36.55 -6.14
C ILE B 58 14.76 -36.90 -5.80
N LYS B 59 15.65 -36.65 -6.75
CA LYS B 59 17.07 -36.98 -6.56
C LYS B 59 17.94 -35.73 -6.54
N THR B 60 17.36 -34.59 -6.90
CA THR B 60 18.09 -33.34 -7.05
C THR B 60 17.90 -32.37 -5.88
N ASP B 61 18.95 -31.61 -5.58
CA ASP B 61 18.91 -30.56 -4.58
C ASP B 61 18.63 -29.21 -5.28
N VAL B 62 17.35 -28.90 -5.47
CA VAL B 62 16.95 -27.72 -6.23
C VAL B 62 17.37 -26.42 -5.55
N LEU B 63 17.29 -26.41 -4.22
CA LEU B 63 17.61 -25.22 -3.46
C LEU B 63 19.10 -24.90 -3.54
N GLY B 64 19.93 -25.91 -3.27
CA GLY B 64 21.36 -25.70 -3.18
C GLY B 64 22.08 -25.67 -4.51
N ASP B 65 21.81 -26.68 -5.35
CA ASP B 65 22.52 -26.86 -6.60
C ASP B 65 21.95 -26.08 -7.79
N VAL B 66 20.65 -25.73 -7.74
CA VAL B 66 20.03 -25.00 -8.84
C VAL B 66 19.70 -23.54 -8.49
N ALA B 67 18.87 -23.32 -7.48
CA ALA B 67 18.52 -21.96 -7.04
C ALA B 67 19.75 -21.21 -6.55
N GLY B 68 20.67 -21.93 -5.90
CA GLY B 68 21.84 -21.29 -5.33
C GLY B 68 21.58 -20.66 -3.98
N ILE B 69 20.53 -21.13 -3.29
CA ILE B 69 20.25 -20.64 -1.94
C ILE B 69 20.63 -21.68 -0.87
N HIS B 70 21.70 -21.39 -0.14
CA HIS B 70 22.22 -22.35 0.84
C HIS B 70 21.76 -22.07 2.27
N ALA B 71 21.24 -20.86 2.51
CA ALA B 71 20.74 -20.47 3.83
C ALA B 71 19.82 -19.26 3.73
N ARG B 72 18.95 -19.10 4.72
CA ARG B 72 18.18 -17.87 4.88
C ARG B 72 18.05 -17.54 6.36
N ARG B 73 17.65 -16.31 6.68
CA ARG B 73 17.53 -15.89 8.07
C ARG B 73 16.06 -15.84 8.54
N LEU B 74 15.82 -16.16 9.80
CA LEU B 74 14.50 -16.04 10.43
C LEU B 74 14.56 -15.15 11.69
N TRP B 75 13.45 -14.49 12.01
CA TRP B 75 13.38 -13.70 13.24
C TRP B 75 13.12 -14.62 14.41
N ASP B 76 13.19 -14.06 15.62
CA ASP B 76 12.62 -14.74 16.78
C ASP B 76 11.11 -14.79 16.60
N GLN B 77 10.44 -15.70 17.30
CA GLN B 77 8.99 -15.72 17.28
C GLN B 77 8.45 -14.40 17.83
N ASP B 78 7.25 -14.03 17.38
CA ASP B 78 6.58 -12.80 17.81
C ASP B 78 7.22 -11.49 17.32
N VAL B 79 8.14 -11.57 16.37
CA VAL B 79 8.60 -10.38 15.67
C VAL B 79 7.60 -10.07 14.55
N GLN B 80 7.00 -8.88 14.59
CA GLN B 80 6.08 -8.46 13.55
C GLN B 80 6.81 -7.58 12.55
N ALA B 81 6.21 -7.37 11.38
CA ALA B 81 6.84 -6.57 10.33
C ALA B 81 7.18 -5.17 10.84
N SER B 82 6.24 -4.58 11.57
CA SER B 82 6.41 -3.24 12.12
C SER B 82 7.59 -3.15 13.10
N ASP B 83 7.83 -4.21 13.86
CA ASP B 83 8.96 -4.26 14.79
C ASP B 83 10.27 -4.21 14.02
N ALA B 84 10.39 -5.08 13.02
CA ALA B 84 11.57 -5.12 12.15
C ALA B 84 11.82 -3.77 11.48
N ALA B 85 10.78 -3.20 10.87
CA ALA B 85 10.88 -1.91 10.20
C ALA B 85 11.28 -0.80 11.17
N THR B 86 10.77 -0.87 12.40
CA THR B 86 11.09 0.13 13.42
C THR B 86 12.58 0.10 13.76
N GLN B 87 13.12 -1.11 13.94
CA GLN B 87 14.55 -1.29 14.20
C GLN B 87 15.37 -0.62 13.11
N ALA B 88 15.01 -0.90 11.86
CA ALA B 88 15.76 -0.35 10.71
C ALA B 88 15.65 1.18 10.66
N ALA B 89 14.45 1.70 10.89
CA ALA B 89 14.23 3.14 10.88
C ALA B 89 15.13 3.88 11.89
N ARG B 90 15.25 3.33 13.10
CA ARG B 90 16.09 3.94 14.14
C ARG B 90 17.55 4.02 13.72
N LYS B 91 18.02 2.96 13.05
CA LYS B 91 19.40 2.92 12.57
C LYS B 91 19.62 3.95 11.46
N ALA B 92 18.65 4.07 10.55
CA ALA B 92 18.72 5.02 9.43
C ALA B 92 18.73 6.49 9.89
N LEU B 93 17.92 6.81 10.89
CA LEU B 93 17.92 8.17 11.46
C LEU B 93 19.28 8.50 12.06
N ILE B 94 19.89 7.52 12.71
CA ILE B 94 21.22 7.71 13.30
C ILE B 94 22.25 7.90 12.19
N ASP B 95 22.17 7.05 11.17
CA ASP B 95 23.04 7.18 10.00
C ASP B 95 22.91 8.56 9.36
N ALA B 96 21.72 9.16 9.44
CA ALA B 96 21.46 10.47 8.87
C ALA B 96 21.64 11.66 9.85
N ASN B 97 21.93 11.34 11.11
N ASN B 97 21.93 11.34 11.11
CA ASN B 97 22.11 12.36 12.15
CA ASN B 97 22.11 12.35 12.14
C ASN B 97 20.93 13.31 12.32
C ASN B 97 20.93 13.32 12.31
N ILE B 98 19.71 12.80 12.22
CA ILE B 98 18.52 13.61 12.47
C ILE B 98 17.60 12.95 13.50
N GLY B 99 16.80 13.76 14.20
CA GLY B 99 15.82 13.24 15.11
C GLY B 99 14.53 12.98 14.37
N ILE B 100 13.68 12.14 14.94
CA ILE B 100 12.39 11.78 14.33
C ILE B 100 11.52 13.03 14.07
N GLU B 101 11.67 14.06 14.89
CA GLU B 101 10.87 15.27 14.74
C GLU B 101 11.11 15.99 13.39
N LYS B 102 12.22 15.66 12.73
CA LYS B 102 12.50 16.25 11.41
C LYS B 102 11.76 15.57 10.26
N ILE B 103 11.21 14.38 10.51
CA ILE B 103 10.54 13.61 9.46
C ILE B 103 9.14 14.16 9.13
N GLY B 104 8.91 14.49 7.86
CA GLY B 104 7.62 15.00 7.42
C GLY B 104 6.80 13.95 6.68
N LEU B 105 7.44 12.84 6.33
CA LEU B 105 6.76 11.76 5.59
C LEU B 105 7.38 10.43 5.96
N LEU B 106 6.54 9.44 6.26
CA LEU B 106 7.02 8.07 6.46
C LEU B 106 6.21 7.07 5.63
N ILE B 107 6.89 6.36 4.72
CA ILE B 107 6.24 5.34 3.90
C ILE B 107 6.77 3.93 4.22
N ASN B 108 5.85 3.00 4.44
CA ASN B 108 6.18 1.59 4.63
C ASN B 108 5.91 0.84 3.33
N THR B 109 6.90 0.09 2.84
CA THR B 109 6.82 -0.51 1.51
C THR B 109 6.80 -2.04 1.56
N SER B 110 6.68 -2.60 2.76
CA SER B 110 6.86 -4.03 2.95
C SER B 110 5.72 -4.86 2.35
N VAL B 111 6.05 -6.08 1.92
CA VAL B 111 5.02 -7.06 1.56
C VAL B 111 4.35 -7.59 2.84
N SER B 112 5.19 -7.97 3.79
CA SER B 112 4.71 -8.42 5.10
C SER B 112 3.90 -7.31 5.75
N ARG B 113 2.73 -7.66 6.27
CA ARG B 113 1.93 -6.67 6.97
C ARG B 113 1.15 -7.32 8.08
N ASP B 114 0.99 -6.62 9.20
N ASP B 114 1.02 -6.57 9.18
CA ASP B 114 0.36 -7.24 10.36
CA ASP B 114 0.42 -7.04 10.42
C ASP B 114 -1.16 -7.14 10.31
C ASP B 114 -1.11 -7.11 10.29
N TYR B 115 -1.67 -6.08 9.67
CA TYR B 115 -3.11 -5.92 9.52
C TYR B 115 -3.44 -5.33 8.16
N LEU B 116 -4.70 -5.36 7.78
CA LEU B 116 -5.17 -4.63 6.62
C LEU B 116 -5.36 -3.16 6.99
N GLU B 117 -5.75 -2.95 8.25
CA GLU B 117 -6.01 -1.61 8.77
C GLU B 117 -5.59 -1.60 10.24
N PRO B 118 -4.84 -0.56 10.66
CA PRO B 118 -4.39 0.59 9.87
C PRO B 118 -3.12 0.27 9.08
N SER B 119 -2.51 1.29 8.47
CA SER B 119 -1.24 1.11 7.77
C SER B 119 -0.17 0.63 8.74
N THR B 120 0.75 -0.20 8.23
CA THR B 120 1.88 -0.64 9.03
C THR B 120 2.77 0.59 9.30
N ALA B 121 2.74 1.55 8.38
CA ALA B 121 3.48 2.81 8.55
C ALA B 121 3.07 3.56 9.82
N SER B 122 1.76 3.59 10.09
CA SER B 122 1.26 4.31 11.27
C SER B 122 1.70 3.64 12.57
N ILE B 123 1.88 2.32 12.52
CA ILE B 123 2.36 1.56 13.67
C ILE B 123 3.85 1.86 13.88
N VAL B 124 4.63 1.78 12.82
CA VAL B 124 6.04 2.19 12.86
C VAL B 124 6.19 3.63 13.37
N SER B 125 5.37 4.54 12.84
CA SER B 125 5.43 5.95 13.23
C SER B 125 5.10 6.14 14.69
N GLY B 126 4.13 5.38 15.19
CA GLY B 126 3.78 5.42 16.60
C GLY B 126 4.93 4.98 17.48
N ASN B 127 5.60 3.91 17.07
CA ASN B 127 6.76 3.39 17.78
C ASN B 127 7.87 4.45 17.84
N LEU B 128 8.04 5.16 16.73
CA LEU B 128 9.13 6.12 16.59
C LEU B 128 8.82 7.46 17.27
N GLY B 129 7.54 7.81 17.35
CA GLY B 129 7.13 9.07 17.94
C GLY B 129 7.16 10.25 16.96
N VAL B 130 6.60 10.06 15.77
CA VAL B 130 6.58 11.15 14.78
C VAL B 130 5.70 12.31 15.24
N SER B 131 5.90 13.48 14.63
CA SER B 131 5.12 14.68 14.96
C SER B 131 3.74 14.65 14.32
N ASP B 132 2.86 15.53 14.77
CA ASP B 132 1.50 15.58 14.22
C ASP B 132 1.44 16.15 12.80
N HIS B 133 2.58 16.61 12.27
CA HIS B 133 2.65 17.08 10.89
C HIS B 133 3.12 15.97 9.93
N CYS B 134 3.44 14.82 10.48
CA CYS B 134 4.01 13.74 9.67
C CYS B 134 2.96 12.96 8.89
N MET B 135 3.07 12.99 7.56
CA MET B 135 2.19 12.22 6.68
C MET B 135 2.69 10.79 6.59
N THR B 136 1.80 9.81 6.73
CA THR B 136 2.20 8.40 6.66
C THR B 136 1.19 7.53 5.91
N PHE B 137 1.70 6.54 5.17
CA PHE B 137 0.88 5.55 4.47
C PHE B 137 1.73 4.39 3.97
N ASP B 138 1.10 3.31 3.55
CA ASP B 138 1.82 2.16 2.98
C ASP B 138 1.79 2.20 1.45
N VAL B 139 2.85 1.69 0.83
CA VAL B 139 2.81 1.35 -0.59
C VAL B 139 3.01 -0.15 -0.71
N ALA B 140 2.19 -0.82 -1.53
CA ALA B 140 2.35 -2.25 -1.76
C ALA B 140 2.56 -2.51 -3.25
N ASN B 141 3.64 -3.21 -3.61
CA ASN B 141 3.89 -3.55 -5.01
C ASN B 141 4.89 -4.70 -5.17
N ALA B 142 4.66 -5.78 -4.44
CA ALA B 142 5.64 -6.87 -4.34
C ALA B 142 7.04 -6.32 -4.06
N SER B 143 8.04 -6.81 -4.80
CA SER B 143 9.44 -6.45 -4.53
C SER B 143 9.89 -5.10 -5.11
N LEU B 144 8.98 -4.36 -5.74
CA LEU B 144 9.35 -3.09 -6.35
C LEU B 144 9.03 -1.90 -5.43
N ALA B 145 8.20 -2.14 -4.42
CA ALA B 145 7.61 -1.07 -3.61
C ALA B 145 8.58 -0.07 -2.99
N PHE B 146 9.81 -0.49 -2.68
CA PHE B 146 10.77 0.43 -2.06
C PHE B 146 11.16 1.53 -3.05
N ILE B 147 11.43 1.15 -4.30
CA ILE B 147 11.71 2.11 -5.36
C ILE B 147 10.50 3.01 -5.60
N ASN B 148 9.31 2.41 -5.64
CA ASN B 148 8.08 3.18 -5.72
C ASN B 148 8.03 4.23 -4.59
N GLY B 149 8.37 3.78 -3.38
CA GLY B 149 8.33 4.64 -2.20
C GLY B 149 9.32 5.79 -2.28
N MET B 150 10.53 5.49 -2.79
CA MET B 150 11.54 6.53 -2.97
C MET B 150 11.06 7.61 -3.97
N ASP B 151 10.43 7.19 -5.05
CA ASP B 151 9.94 8.15 -6.06
C ASP B 151 8.80 9.05 -5.57
N ILE B 152 7.86 8.47 -4.81
CA ILE B 152 6.75 9.22 -4.22
C ILE B 152 7.30 10.26 -3.24
N ALA B 153 8.29 9.86 -2.46
CA ALA B 153 8.92 10.78 -1.52
C ALA B 153 9.76 11.85 -2.24
N ALA B 154 10.49 11.43 -3.28
CA ALA B 154 11.29 12.36 -4.08
C ALA B 154 10.44 13.48 -4.65
N ARG B 155 9.24 13.15 -5.12
CA ARG B 155 8.37 14.15 -5.73
C ARG B 155 7.85 15.16 -4.69
N MET B 156 7.57 14.69 -3.47
CA MET B 156 7.16 15.60 -2.40
C MET B 156 8.31 16.50 -1.94
N LEU B 157 9.54 15.98 -1.95
CA LEU B 157 10.71 16.76 -1.57
C LEU B 157 11.02 17.87 -2.59
N GLU B 158 11.01 17.52 -3.89
CA GLU B 158 11.26 18.48 -4.96
C GLU B 158 10.25 19.61 -4.93
N ARG B 159 9.07 19.30 -4.42
CA ARG B 159 7.96 20.24 -4.45
C ARG B 159 8.01 21.16 -3.24
N GLY B 160 8.82 20.79 -2.25
CA GLY B 160 9.01 21.61 -1.07
C GLY B 160 8.00 21.33 0.02
N GLU B 161 7.30 20.21 -0.08
CA GLU B 161 6.28 19.83 0.90
C GLU B 161 6.90 19.36 2.20
N ILE B 162 8.10 18.78 2.11
CA ILE B 162 8.82 18.22 3.27
C ILE B 162 10.32 18.36 3.05
N ASP B 163 11.10 18.19 4.12
CA ASP B 163 12.55 18.29 4.07
C ASP B 163 13.22 16.93 4.15
N TYR B 164 12.63 16.04 4.95
CA TYR B 164 13.18 14.71 5.18
C TYR B 164 12.06 13.68 5.10
N ALA B 165 12.38 12.48 4.59
CA ALA B 165 11.40 11.40 4.51
C ALA B 165 12.04 10.06 4.90
N LEU B 166 11.27 9.21 5.56
CA LEU B 166 11.71 7.84 5.86
C LEU B 166 10.97 6.87 4.95
N VAL B 167 11.72 5.96 4.33
CA VAL B 167 11.11 4.84 3.61
C VAL B 167 11.55 3.57 4.36
N VAL B 168 10.59 2.79 4.86
CA VAL B 168 10.90 1.64 5.72
C VAL B 168 10.30 0.33 5.20
N ASP B 169 10.95 -0.78 5.54
CA ASP B 169 10.53 -2.09 5.01
C ASP B 169 11.06 -3.24 5.86
N GLY B 170 10.19 -3.86 6.65
CA GLY B 170 10.55 -5.08 7.36
C GLY B 170 9.79 -6.27 6.78
N GLU B 171 10.50 -7.39 6.57
CA GLU B 171 9.88 -8.60 6.02
C GLU B 171 9.98 -9.80 6.97
N THR B 172 8.88 -10.52 7.15
CA THR B 172 8.93 -11.72 7.98
C THR B 172 8.43 -12.98 7.27
N ALA B 173 9.28 -14.00 7.23
CA ALA B 173 8.95 -15.24 6.55
C ALA B 173 8.86 -16.44 7.48
N ASN B 174 8.91 -16.21 8.80
CA ASN B 174 8.80 -17.31 9.76
C ASN B 174 7.58 -18.20 9.51
N LEU B 175 6.40 -17.59 9.45
CA LEU B 175 5.14 -18.33 9.32
C LEU B 175 5.05 -19.09 7.99
N VAL B 176 5.57 -18.48 6.93
CA VAL B 176 5.50 -19.14 5.62
C VAL B 176 6.44 -20.35 5.55
N TYR B 177 7.58 -20.30 6.25
CA TYR B 177 8.43 -21.49 6.36
C TYR B 177 7.74 -22.55 7.21
N GLU B 178 7.19 -22.14 8.36
CA GLU B 178 6.56 -23.09 9.28
C GLU B 178 5.42 -23.85 8.61
N LYS B 179 4.53 -23.11 7.95
CA LYS B 179 3.37 -23.72 7.30
C LYS B 179 3.75 -24.51 6.04
N THR B 180 4.65 -23.95 5.22
CA THR B 180 5.06 -24.64 4.00
C THR B 180 5.77 -25.95 4.31
N LEU B 181 6.65 -25.95 5.31
CA LEU B 181 7.34 -27.17 5.70
C LEU B 181 6.37 -28.24 6.22
N GLU B 182 5.33 -27.82 6.95
CA GLU B 182 4.28 -28.74 7.37
C GLU B 182 3.61 -29.39 6.16
N ARG B 183 3.26 -28.56 5.17
CA ARG B 183 2.59 -29.07 3.98
C ARG B 183 3.49 -30.05 3.22
N MET B 184 4.75 -29.68 3.03
CA MET B 184 5.68 -30.52 2.27
CA MET B 184 5.71 -30.50 2.28
C MET B 184 5.99 -31.84 2.94
N THR B 185 5.91 -31.89 4.27
CA THR B 185 6.18 -33.13 5.00
C THR B 185 4.95 -34.04 5.19
N SER B 186 3.77 -33.54 4.77
CA SER B 186 2.54 -34.32 4.88
C SER B 186 2.55 -35.55 3.95
N PRO B 187 1.99 -36.68 4.42
CA PRO B 187 1.99 -37.90 3.61
C PRO B 187 1.13 -37.78 2.33
N ASP B 188 0.30 -36.75 2.24
CA ASP B 188 -0.56 -36.58 1.06
C ASP B 188 0.02 -35.65 -0.02
N VAL B 189 1.18 -35.05 0.26
CA VAL B 189 1.75 -34.07 -0.68
C VAL B 189 2.14 -34.68 -2.04
N THR B 190 1.75 -33.98 -3.11
CA THR B 190 2.03 -34.40 -4.49
C THR B 190 3.21 -33.59 -5.01
N GLU B 191 3.80 -34.01 -6.14
CA GLU B 191 4.93 -33.28 -6.70
C GLU B 191 4.47 -31.95 -7.29
N GLU B 192 3.22 -31.92 -7.73
CA GLU B 192 2.62 -30.69 -8.25
C GLU B 192 2.61 -29.62 -7.17
N GLU B 193 2.10 -29.97 -5.99
CA GLU B 193 2.03 -29.03 -4.87
C GLU B 193 3.43 -28.63 -4.41
N PHE B 194 4.34 -29.61 -4.40
CA PHE B 194 5.72 -29.37 -3.96
C PHE B 194 6.42 -28.32 -4.83
N ARG B 195 6.43 -28.56 -6.14
CA ARG B 195 7.05 -27.63 -7.08
C ARG B 195 6.38 -26.26 -7.05
N ASN B 196 5.09 -26.22 -6.73
N ASN B 196 5.09 -26.25 -6.71
CA ASN B 196 4.36 -24.97 -6.73
CA ASN B 196 4.27 -25.05 -6.68
C ASN B 196 4.58 -24.10 -5.50
C ASN B 196 4.59 -24.12 -5.51
N GLU B 197 5.02 -24.71 -4.40
CA GLU B 197 5.32 -23.95 -3.19
C GLU B 197 6.82 -23.88 -2.91
N LEU B 198 7.61 -24.48 -3.78
CA LEU B 198 9.06 -24.54 -3.63
C LEU B 198 9.69 -23.14 -3.50
N ALA B 199 9.17 -22.18 -4.24
CA ALA B 199 9.70 -20.82 -4.22
C ALA B 199 9.61 -20.18 -2.83
N ALA B 200 8.64 -20.59 -2.03
CA ALA B 200 8.49 -20.06 -0.68
C ALA B 200 9.74 -20.36 0.16
N LEU B 201 10.41 -21.46 -0.18
CA LEU B 201 11.63 -21.86 0.52
C LEU B 201 12.88 -21.14 -0.01
N THR B 202 12.67 -20.09 -0.83
CA THR B 202 13.79 -19.23 -1.24
C THR B 202 13.71 -17.83 -0.61
N LEU B 203 12.70 -17.61 0.23
CA LEU B 203 12.52 -16.30 0.88
C LEU B 203 13.31 -16.18 2.19
N GLY B 204 13.54 -14.95 2.64
CA GLY B 204 14.25 -14.71 3.89
C GLY B 204 13.70 -13.53 4.66
N CYS B 205 14.05 -13.43 5.93
CA CYS B 205 13.66 -12.28 6.75
C CYS B 205 14.75 -11.21 6.69
N GLY B 206 14.37 -9.97 6.95
CA GLY B 206 15.31 -8.86 7.03
C GLY B 206 14.55 -7.55 7.01
N ALA B 207 15.25 -6.44 7.23
CA ALA B 207 14.61 -5.12 7.21
C ALA B 207 15.54 -4.05 6.64
N ALA B 208 14.94 -3.00 6.07
CA ALA B 208 15.71 -1.86 5.54
C ALA B 208 14.98 -0.55 5.77
N ALA B 209 15.73 0.54 5.81
CA ALA B 209 15.13 1.87 5.94
C ALA B 209 16.06 2.93 5.33
N MET B 210 15.46 3.93 4.68
CA MET B 210 16.24 5.00 4.05
C MET B 210 15.74 6.39 4.44
N VAL B 211 16.66 7.29 4.77
CA VAL B 211 16.29 8.70 4.91
C VAL B 211 16.64 9.47 3.65
N MET B 212 15.62 10.04 2.99
CA MET B 212 15.83 10.89 1.82
C MET B 212 15.61 12.34 2.22
N ALA B 213 16.27 13.27 1.53
CA ALA B 213 16.20 14.70 1.90
C ALA B 213 16.38 15.65 0.73
N ARG B 214 16.02 16.93 0.93
CA ARG B 214 16.33 17.96 -0.05
C ARG B 214 17.84 18.19 -0.06
N SER B 215 18.43 18.29 -1.24
CA SER B 215 19.89 18.29 -1.38
C SER B 215 20.59 19.47 -0.73
N GLU B 216 19.92 20.62 -0.64
CA GLU B 216 20.57 21.82 -0.10
C GLU B 216 20.87 21.65 1.40
N LEU B 217 20.21 20.66 2.00
CA LEU B 217 20.35 20.36 3.42
C LEU B 217 21.50 19.37 3.65
N VAL B 218 21.82 18.57 2.64
CA VAL B 218 22.83 17.52 2.75
C VAL B 218 23.75 17.47 1.51
N PRO B 219 24.62 18.49 1.36
CA PRO B 219 25.42 18.63 0.13
C PRO B 219 26.43 17.51 -0.13
N ASP B 220 26.83 16.77 0.91
CA ASP B 220 27.78 15.67 0.77
C ASP B 220 27.12 14.32 0.45
N ALA B 221 25.79 14.30 0.50
CA ALA B 221 25.02 13.07 0.37
C ALA B 221 24.88 12.61 -1.10
N PRO B 222 24.69 11.30 -1.31
CA PRO B 222 24.42 10.75 -2.64
C PRO B 222 23.16 11.35 -3.24
N ARG B 223 23.15 11.60 -4.54
CA ARG B 223 21.97 12.16 -5.20
C ARG B 223 21.15 11.06 -5.86
N TYR B 224 19.83 11.15 -5.72
CA TYR B 224 18.93 10.23 -6.38
C TYR B 224 18.26 10.90 -7.58
N LYS B 225 18.55 10.41 -8.78
CA LYS B 225 18.03 11.00 -9.99
C LYS B 225 16.65 10.47 -10.40
N GLY B 226 16.26 9.32 -9.85
CA GLY B 226 15.08 8.62 -10.32
C GLY B 226 15.39 7.80 -11.57
N GLY B 227 14.36 7.33 -12.26
CA GLY B 227 14.59 6.58 -13.50
C GLY B 227 13.34 6.27 -14.30
N VAL B 228 13.30 5.07 -14.90
CA VAL B 228 12.17 4.66 -15.72
C VAL B 228 11.42 3.44 -15.20
N THR B 229 10.16 3.32 -15.62
CA THR B 229 9.30 2.22 -15.20
C THR B 229 8.63 1.59 -16.42
N ARG B 230 8.65 0.25 -16.46
CA ARG B 230 7.91 -0.49 -17.48
C ARG B 230 7.13 -1.59 -16.75
N SER B 231 6.09 -2.12 -17.39
CA SER B 231 5.25 -3.09 -16.70
C SER B 231 4.73 -4.17 -17.64
N ALA B 232 4.37 -5.31 -17.07
CA ALA B 232 3.69 -6.37 -17.82
C ALA B 232 2.63 -6.99 -16.93
N THR B 233 1.55 -6.24 -16.72
CA THR B 233 0.53 -6.59 -15.74
C THR B 233 -0.34 -7.79 -16.15
N GLU B 234 -0.15 -8.28 -17.36
CA GLU B 234 -0.84 -9.48 -17.83
C GLU B 234 -0.36 -10.73 -17.09
N TRP B 235 0.78 -10.62 -16.40
CA TRP B 235 1.38 -11.75 -15.71
C TRP B 235 1.16 -11.72 -14.19
N ASN B 236 0.01 -11.18 -13.75
CA ASN B 236 -0.23 -10.98 -12.32
C ASN B 236 -0.59 -12.27 -11.56
N LYS B 237 -0.90 -13.34 -12.29
CA LYS B 237 -1.23 -14.61 -11.64
C LYS B 237 0.00 -15.46 -11.32
N LEU B 238 1.18 -15.06 -11.79
CA LEU B 238 2.35 -15.93 -11.75
C LEU B 238 2.86 -16.23 -10.34
N CYS B 239 2.77 -15.24 -9.45
CA CYS B 239 3.22 -15.42 -8.07
C CYS B 239 2.25 -14.75 -7.09
N ARG B 240 1.52 -15.56 -6.32
CA ARG B 240 0.50 -15.06 -5.40
C ARG B 240 0.78 -15.54 -3.98
N GLY B 241 0.78 -14.61 -3.03
CA GLY B 241 1.17 -14.96 -1.68
C GLY B 241 0.54 -14.17 -0.53
N ASN B 242 0.29 -14.89 0.57
CA ASN B 242 -0.05 -14.29 1.84
C ASN B 242 1.00 -14.67 2.87
N LEU B 243 0.80 -14.30 4.13
CA LEU B 243 1.81 -14.52 5.18
C LEU B 243 2.11 -16.00 5.46
N ASP B 244 1.12 -16.86 5.20
CA ASP B 244 1.22 -18.28 5.54
C ASP B 244 1.50 -19.17 4.33
N ARG B 245 1.44 -18.61 3.13
CA ARG B 245 1.53 -19.41 1.91
C ARG B 245 1.80 -18.60 0.65
N MET B 246 2.73 -19.10 -0.19
CA MET B 246 3.01 -18.50 -1.49
C MET B 246 3.04 -19.56 -2.59
N VAL B 247 2.29 -19.30 -3.67
CA VAL B 247 2.22 -20.21 -4.83
C VAL B 247 2.86 -19.54 -6.06
N THR B 248 3.81 -20.22 -6.70
CA THR B 248 4.60 -19.61 -7.77
C THR B 248 4.80 -20.50 -9.00
N ASP B 249 4.59 -19.92 -10.19
CA ASP B 249 4.95 -20.54 -11.46
C ASP B 249 6.41 -20.21 -11.81
N THR B 250 7.35 -20.92 -11.19
CA THR B 250 8.77 -20.58 -11.27
C THR B 250 9.34 -20.40 -12.69
N ARG B 251 9.04 -21.34 -13.58
CA ARG B 251 9.59 -21.32 -14.93
C ARG B 251 9.15 -20.08 -15.74
N LEU B 252 7.84 -19.85 -15.83
CA LEU B 252 7.30 -18.72 -16.59
C LEU B 252 7.69 -17.38 -15.97
N LEU B 253 7.75 -17.34 -14.63
CA LEU B 253 8.06 -16.10 -13.93
C LEU B 253 9.50 -15.67 -14.25
N LEU B 254 10.42 -16.64 -14.28
CA LEU B 254 11.80 -16.36 -14.66
C LEU B 254 11.83 -15.80 -16.09
N ILE B 255 11.16 -16.51 -17.00
CA ILE B 255 11.19 -16.15 -18.41
C ILE B 255 10.57 -14.77 -18.70
N GLU B 256 9.39 -14.50 -18.16
CA GLU B 256 8.73 -13.21 -18.39
C GLU B 256 9.37 -12.09 -17.57
N GLY B 257 9.86 -12.43 -16.37
CA GLY B 257 10.51 -11.45 -15.52
C GLY B 257 11.76 -10.87 -16.17
N ILE B 258 12.53 -11.74 -16.81
CA ILE B 258 13.75 -11.32 -17.49
C ILE B 258 13.41 -10.50 -18.75
N LYS B 259 12.35 -10.90 -19.44
CA LYS B 259 11.85 -10.15 -20.60
C LYS B 259 11.51 -8.69 -20.26
N LEU B 260 10.86 -8.47 -19.12
CA LEU B 260 10.50 -7.12 -18.70
C LEU B 260 11.75 -6.34 -18.28
N ALA B 261 12.64 -7.00 -17.55
CA ALA B 261 13.90 -6.38 -17.12
C ALA B 261 14.72 -5.93 -18.33
N GLN B 262 14.80 -6.78 -19.35
CA GLN B 262 15.49 -6.41 -20.59
C GLN B 262 14.87 -5.18 -21.25
N LYS B 263 13.55 -5.18 -21.38
CA LYS B 263 12.82 -4.04 -21.94
C LYS B 263 13.06 -2.74 -21.16
N THR B 264 13.09 -2.84 -19.84
CA THR B 264 13.27 -1.66 -18.99
C THR B 264 14.70 -1.14 -19.08
N PHE B 265 15.66 -2.06 -19.16
CA PHE B 265 17.08 -1.67 -19.20
C PHE B 265 17.41 -1.00 -20.53
N VAL B 266 16.76 -1.43 -21.60
CA VAL B 266 16.89 -0.78 -22.90
C VAL B 266 16.33 0.64 -22.83
N ALA B 267 15.19 0.77 -22.17
CA ALA B 267 14.55 2.07 -21.96
C ALA B 267 15.40 2.98 -21.08
N ALA B 268 16.10 2.38 -20.12
CA ALA B 268 16.99 3.12 -19.24
C ALA B 268 18.19 3.67 -20.02
N LYS B 269 18.79 2.82 -20.86
CA LYS B 269 19.92 3.22 -21.70
C LYS B 269 19.59 4.45 -22.54
N GLN B 270 18.34 4.54 -22.97
CA GLN B 270 17.84 5.72 -23.68
C GLN B 270 17.83 6.95 -22.77
N VAL B 271 16.94 6.98 -21.79
CA VAL B 271 16.66 8.20 -21.03
C VAL B 271 17.71 8.56 -19.98
N LEU B 272 18.43 7.57 -19.46
CA LEU B 272 19.44 7.81 -18.44
C LEU B 272 20.82 7.88 -19.07
N GLY B 273 20.90 7.51 -20.35
CA GLY B 273 22.15 7.54 -21.08
C GLY B 273 23.06 6.36 -20.74
N TRP B 274 22.51 5.39 -20.02
CA TRP B 274 23.28 4.25 -19.53
C TRP B 274 24.02 3.46 -20.61
N ALA B 275 25.29 3.19 -20.33
CA ALA B 275 26.07 2.18 -21.04
C ALA B 275 26.74 1.31 -19.98
N VAL B 276 26.69 -0.01 -20.16
CA VAL B 276 27.14 -0.98 -19.16
C VAL B 276 28.54 -0.70 -18.59
N GLU B 277 29.47 -0.36 -19.47
CA GLU B 277 30.83 -0.03 -19.08
C GLU B 277 30.93 1.26 -18.25
N GLU B 278 29.89 2.10 -18.36
CA GLU B 278 29.88 3.40 -17.70
C GLU B 278 29.22 3.37 -16.32
N LEU B 279 28.95 2.17 -15.81
CA LEU B 279 28.30 2.01 -14.52
C LEU B 279 29.22 1.25 -13.55
N ASP B 280 29.25 1.70 -12.29
CA ASP B 280 30.18 1.12 -11.32
C ASP B 280 29.54 0.03 -10.44
N GLN B 281 28.28 0.22 -10.09
CA GLN B 281 27.56 -0.79 -9.30
C GLN B 281 26.19 -1.10 -9.89
N PHE B 282 25.79 -2.37 -9.79
CA PHE B 282 24.44 -2.81 -10.14
C PHE B 282 23.77 -3.41 -8.91
N VAL B 283 22.81 -2.67 -8.34
CA VAL B 283 22.09 -3.14 -7.17
C VAL B 283 20.80 -3.77 -7.66
N ILE B 284 20.77 -5.10 -7.66
N ILE B 284 20.76 -5.10 -7.63
CA ILE B 284 19.71 -5.85 -8.31
CA ILE B 284 19.72 -5.87 -8.31
C ILE B 284 18.81 -6.55 -7.30
C ILE B 284 18.83 -6.61 -7.31
N HIS B 285 17.56 -6.77 -7.66
CA HIS B 285 16.65 -7.55 -6.84
C HIS B 285 17.15 -8.99 -6.77
N GLN B 286 17.10 -9.58 -5.58
CA GLN B 286 17.71 -10.88 -5.32
C GLN B 286 16.67 -12.00 -5.30
N VAL B 287 16.59 -12.79 -6.37
CA VAL B 287 15.63 -13.90 -6.39
C VAL B 287 16.27 -15.28 -6.61
N SER B 288 17.29 -15.35 -7.46
CA SER B 288 18.00 -16.62 -7.71
C SER B 288 19.23 -16.48 -8.60
N ARG B 289 20.13 -17.46 -8.49
CA ARG B 289 21.36 -17.48 -9.30
C ARG B 289 21.06 -17.56 -10.80
N PRO B 290 20.20 -18.51 -11.23
CA PRO B 290 19.86 -18.53 -12.67
C PRO B 290 19.15 -17.26 -13.14
N HIS B 291 18.25 -16.72 -12.33
CA HIS B 291 17.61 -15.44 -12.63
C HIS B 291 18.67 -14.34 -12.85
N THR B 292 19.60 -14.23 -11.91
CA THR B 292 20.64 -13.21 -11.97
C THR B 292 21.56 -13.38 -13.18
N ALA B 293 22.09 -14.58 -13.36
CA ALA B 293 23.04 -14.84 -14.42
C ALA B 293 22.43 -14.64 -15.80
N ALA B 294 21.16 -14.98 -15.94
CA ALA B 294 20.46 -14.75 -17.20
C ALA B 294 20.38 -13.27 -17.55
N PHE B 295 20.22 -12.42 -16.54
CA PHE B 295 20.13 -10.98 -16.77
C PHE B 295 21.48 -10.35 -17.10
N VAL B 296 22.50 -10.68 -16.30
CA VAL B 296 23.83 -10.12 -16.54
C VAL B 296 24.42 -10.57 -17.89
N LYS B 297 24.13 -11.81 -18.28
CA LYS B 297 24.61 -12.34 -19.57
C LYS B 297 23.93 -11.64 -20.75
N SER B 298 22.66 -11.26 -20.57
CA SER B 298 21.93 -10.57 -21.62
CA SER B 298 21.90 -10.53 -21.59
C SER B 298 22.59 -9.24 -22.01
N PHE B 299 23.24 -8.58 -21.06
CA PHE B 299 23.86 -7.29 -21.33
C PHE B 299 25.39 -7.29 -21.14
N GLY B 300 25.96 -8.45 -20.85
CA GLY B 300 27.40 -8.56 -20.65
C GLY B 300 27.89 -7.72 -19.49
N ILE B 301 27.18 -7.79 -18.37
CA ILE B 301 27.54 -7.05 -17.16
C ILE B 301 28.59 -7.84 -16.37
N ASP B 302 29.65 -7.15 -15.94
CA ASP B 302 30.66 -7.77 -15.08
C ASP B 302 30.02 -8.19 -13.75
N PRO B 303 29.99 -9.51 -13.48
CA PRO B 303 29.34 -10.04 -12.28
C PRO B 303 30.00 -9.56 -10.99
N ALA B 304 31.26 -9.15 -11.08
CA ALA B 304 31.97 -8.54 -9.96
C ALA B 304 31.24 -7.28 -9.47
N LYS B 305 30.61 -6.56 -10.40
CA LYS B 305 29.87 -5.34 -10.08
C LYS B 305 28.46 -5.59 -9.55
N VAL B 306 28.11 -6.86 -9.37
CA VAL B 306 26.77 -7.20 -8.90
C VAL B 306 26.83 -7.96 -7.57
N MET B 307 26.74 -7.24 -6.46
CA MET B 307 26.74 -7.88 -5.13
C MET B 307 25.54 -8.80 -4.94
N THR B 308 25.80 -9.99 -4.41
CA THR B 308 24.78 -11.03 -4.23
C THR B 308 24.69 -11.49 -2.76
N ILE B 309 23.46 -11.52 -2.23
CA ILE B 309 23.26 -11.97 -0.85
C ILE B 309 22.24 -13.11 -0.70
N PHE B 310 21.55 -13.48 -1.79
CA PHE B 310 20.56 -14.55 -1.72
C PHE B 310 21.17 -15.91 -1.36
N GLY B 311 22.48 -16.03 -1.51
CA GLY B 311 23.20 -17.22 -1.13
C GLY B 311 22.99 -17.60 0.33
N GLU B 312 23.01 -16.61 1.22
CA GLU B 312 22.82 -16.86 2.65
C GLU B 312 21.59 -16.17 3.24
N HIS B 313 20.94 -15.31 2.45
CA HIS B 313 19.79 -14.55 2.95
C HIS B 313 18.50 -14.82 2.18
N GLY B 314 18.62 -15.44 1.00
CA GLY B 314 17.47 -15.66 0.14
C GLY B 314 16.86 -14.38 -0.40
N ASN B 315 15.56 -14.43 -0.68
CA ASN B 315 14.80 -13.32 -1.26
C ASN B 315 14.07 -12.55 -0.16
N ILE B 316 14.48 -11.31 0.06
CA ILE B 316 13.93 -10.48 1.12
C ILE B 316 12.93 -9.48 0.53
N GLY B 317 12.42 -9.81 -0.66
CA GLY B 317 11.41 -9.00 -1.31
C GLY B 317 11.86 -7.59 -1.59
N PRO B 318 10.98 -6.61 -1.35
CA PRO B 318 11.25 -5.20 -1.67
C PRO B 318 12.38 -4.60 -0.84
N ALA B 319 12.70 -5.23 0.29
CA ALA B 319 13.82 -4.76 1.11
C ALA B 319 15.17 -5.20 0.54
N SER B 320 15.16 -6.15 -0.39
CA SER B 320 16.41 -6.69 -0.94
C SER B 320 17.34 -5.62 -1.52
N VAL B 321 16.81 -4.79 -2.42
CA VAL B 321 17.63 -3.74 -3.03
C VAL B 321 18.25 -2.75 -2.02
N PRO B 322 17.43 -2.17 -1.12
CA PRO B 322 18.10 -1.28 -0.16
C PRO B 322 19.00 -1.99 0.84
N ILE B 323 18.75 -3.27 1.13
CA ILE B 323 19.66 -4.02 2.01
C ILE B 323 21.06 -4.12 1.38
N VAL B 324 21.10 -4.51 0.11
CA VAL B 324 22.36 -4.60 -0.63
C VAL B 324 23.07 -3.25 -0.67
N LEU B 325 22.32 -2.20 -1.01
CA LEU B 325 22.87 -0.84 -1.03
C LEU B 325 23.45 -0.42 0.33
N SER B 326 22.75 -0.78 1.41
CA SER B 326 23.26 -0.49 2.75
C SER B 326 24.56 -1.26 3.03
N LYS B 327 24.57 -2.54 2.63
CA LYS B 327 25.76 -3.38 2.82
C LYS B 327 26.95 -2.82 2.05
N LEU B 328 26.70 -2.36 0.82
CA LEU B 328 27.73 -1.70 0.02
C LEU B 328 28.26 -0.46 0.72
N LYS B 329 27.36 0.33 1.30
CA LYS B 329 27.76 1.53 2.03
C LYS B 329 28.64 1.18 3.22
N GLU B 330 28.19 0.23 4.03
N GLU B 330 28.19 0.24 4.03
CA GLU B 330 28.93 -0.16 5.23
CA GLU B 330 28.92 -0.17 5.23
C GLU B 330 30.27 -0.78 4.89
C GLU B 330 30.28 -0.77 4.88
N LEU B 331 30.39 -1.35 3.69
CA LEU B 331 31.63 -1.96 3.24
C LEU B 331 32.72 -0.91 2.99
N GLY B 332 32.33 0.36 2.85
CA GLY B 332 33.27 1.39 2.51
C GLY B 332 33.71 1.23 1.07
N ARG B 333 32.87 0.53 0.30
CA ARG B 333 33.09 0.28 -1.11
C ARG B 333 33.12 1.58 -1.91
N LEU B 334 31.98 2.23 -1.91
CA LEU B 334 31.65 3.28 -2.87
C LEU B 334 32.51 4.53 -2.75
N LYS B 335 32.62 5.25 -3.87
CA LYS B 335 33.43 6.45 -3.95
C LYS B 335 32.56 7.56 -4.50
N LYS B 336 32.87 8.81 -4.17
CA LYS B 336 32.13 9.94 -4.72
C LYS B 336 32.15 9.91 -6.24
N GLY B 337 30.97 10.09 -6.83
CA GLY B 337 30.88 10.14 -8.28
C GLY B 337 30.50 8.83 -8.95
N ASP B 338 30.69 7.69 -8.28
N ASP B 338 30.58 7.73 -8.19
CA ASP B 338 30.37 6.46 -8.97
CA ASP B 338 30.17 6.40 -8.64
C ASP B 338 28.87 6.20 -9.08
C ASP B 338 28.72 6.38 -9.11
N ARG B 339 28.47 5.82 -10.29
CA ARG B 339 27.09 5.71 -10.72
C ARG B 339 26.54 4.33 -10.38
N ILE B 340 25.45 4.33 -9.64
CA ILE B 340 24.85 3.11 -9.15
C ILE B 340 23.46 2.90 -9.73
N ALA B 341 23.30 1.82 -10.48
CA ALA B 341 22.01 1.46 -11.05
C ALA B 341 21.19 0.61 -10.09
N LEU B 342 20.08 1.15 -9.60
CA LEU B 342 19.12 0.34 -8.84
C LEU B 342 18.23 -0.36 -9.85
N LEU B 343 18.29 -1.69 -9.89
CA LEU B 343 17.44 -2.44 -10.82
C LEU B 343 16.40 -3.22 -10.03
N GLY B 344 15.21 -2.66 -9.91
CA GLY B 344 14.13 -3.30 -9.17
C GLY B 344 13.09 -3.96 -10.06
N ILE B 345 12.43 -4.97 -9.50
CA ILE B 345 11.36 -5.68 -10.19
C ILE B 345 10.50 -6.37 -9.13
N GLY B 346 9.26 -6.73 -9.49
CA GLY B 346 8.37 -7.41 -8.58
C GLY B 346 7.29 -8.15 -9.31
N SER B 347 6.66 -9.11 -8.62
CA SER B 347 5.49 -9.79 -9.16
C SER B 347 4.47 -8.74 -9.54
N GLY B 348 3.83 -8.93 -10.69
CA GLY B 348 2.99 -7.89 -11.26
C GLY B 348 2.63 -8.14 -12.73
N LEU B 349 3.60 -8.06 -13.63
CA LEU B 349 4.99 -7.70 -13.32
C LEU B 349 5.20 -6.19 -13.43
N ASN B 350 6.06 -5.67 -12.55
CA ASN B 350 6.48 -4.26 -12.63
C ASN B 350 7.98 -4.18 -12.49
N CYS B 351 8.61 -3.28 -13.27
CA CYS B 351 10.06 -3.11 -13.23
C CYS B 351 10.45 -1.63 -13.23
N SER B 352 11.34 -1.25 -12.33
CA SER B 352 11.82 0.13 -12.31
C SER B 352 13.33 0.18 -12.12
N MET B 353 13.98 0.97 -12.96
CA MET B 353 15.43 1.12 -12.92
C MET B 353 15.81 2.60 -12.77
N ALA B 354 16.58 2.90 -11.74
CA ALA B 354 16.89 4.27 -11.38
C ALA B 354 18.38 4.44 -11.09
N GLU B 355 18.83 5.69 -11.05
CA GLU B 355 20.24 5.98 -10.83
C GLU B 355 20.48 6.74 -9.53
N VAL B 356 21.51 6.32 -8.81
CA VAL B 356 22.02 7.07 -7.67
C VAL B 356 23.46 7.47 -7.97
N VAL B 357 23.80 8.75 -7.77
CA VAL B 357 25.19 9.19 -7.91
C VAL B 357 25.79 9.42 -6.52
N TRP B 358 26.78 8.61 -6.16
CA TRP B 358 27.34 8.65 -4.82
C TRP B 358 28.02 9.99 -4.52
#